data_1VIT
#
_entry.id   1VIT
#
_cell.length_a   116.400
_cell.length_b   116.400
_cell.length_c   200.600
_cell.angle_alpha   90.00
_cell.angle_beta   90.00
_cell.angle_gamma   120.00
#
_symmetry.space_group_name_H-M   'P 61 2 2'
#
loop_
_entity.id
_entity.type
_entity.pdbx_description
1 polymer 'EPSILON THROMBIN'
2 polymer 'ALPHA THROMBIN'
3 polymer HIRUDIN
4 polymer 'EPSILON THROMBIN'
5 polymer 'EPSILON THROMBIN'
6 branched 2-acetamido-2-deoxy-beta-D-glucopyranose-(1-4)-2-acetamido-2-deoxy-beta-D-glucopyranose
7 non-polymer 2-acetamido-2-deoxy-beta-D-glucopyranose
#
loop_
_entity_poly.entity_id
_entity_poly.type
_entity_poly.pdbx_seq_one_letter_code
_entity_poly.pdbx_strand_id
1 'polypeptide(L)' TSEDHFQPFFNEKTFGAGEADCGLRPLFEKKQVQDQTEKELFESYIEGR L,M
2 'polypeptide(L)'
;IVEGQDAEVGLSPWQVMLFRKSPQELLCGASLISDRWVLTAAHCLLYPPWDKNFTVDDLLVRIGKHSRTRYERKVEKISM
LDKIYIHPRYNWKENLDRDIALLKLKRPIELSDYIHPVCLPDKQTAAKLLHAGFKGRVTGWGNRRETWTTSVAEVQPSVL
QVVNLPLVERPVCKASTRIRITDNMFCAGYKPGEGKRGDACEGDSGGPFVMKSPYNNRWYQMGIVSWGEGCDRDGKYGFY
THVFRLKKWIQKVIDRLGS
;
H
3 'polypeptide(L)' HNDGDFEEIPEEYLQ I,J
4 'polypeptide(L)'
;IVEGQDAEVGLSPWQVMLFRKSPQELLCGASLISDRWVLTAAHCLLYPPWDKNFTVDDLLVRIGKHSRTRYERKVEKISM
LDKIYIHPRYNWKENLDRDIALLKLKRPIELSDYIHPVCLPDKQTAAKLLHAGFKGRVTGWGNRRETWTT
;
F
5 'polypeptide(L)'
;SVAEVQPSVLQVVNLPLVERPVCKASTRIRITDNMFCAGYKPGEGKRGDACEGDSGGPFVMKSPYNNRWYQMGIVSWGEG
CDRDGKYGFYTHVFRLKKWIQKVIDRLGS
;
G
#
loop_
_chem_comp.id
_chem_comp.type
_chem_comp.name
_chem_comp.formula
NAG D-saccharide, beta linking 2-acetamido-2-deoxy-beta-D-glucopyranose 'C8 H15 N O6'
#
# COMPACT_ATOMS: atom_id res chain seq x y z
N THR A 14 26.61 -21.35 -35.78
CA THR A 14 26.02 -21.57 -34.45
C THR A 14 24.55 -21.11 -34.54
N PHE A 15 23.84 -21.15 -33.41
CA PHE A 15 22.45 -20.71 -33.36
C PHE A 15 22.44 -19.23 -33.01
N GLY A 16 23.53 -18.78 -32.39
CA GLY A 16 23.68 -17.40 -31.97
C GLY A 16 24.58 -17.37 -30.76
N ALA A 17 24.95 -16.17 -30.33
CA ALA A 17 25.80 -16.00 -29.15
C ALA A 17 24.88 -15.68 -27.96
N GLY A 18 23.64 -16.15 -28.06
CA GLY A 18 22.64 -15.90 -27.04
C GLY A 18 21.74 -14.78 -27.56
N GLU A 19 22.30 -13.97 -28.45
CA GLU A 19 21.67 -12.82 -29.11
C GLU A 19 20.17 -12.60 -28.90
N ALA A 20 19.39 -13.59 -29.32
CA ALA A 20 17.94 -13.56 -29.19
C ALA A 20 17.49 -15.01 -29.09
N ASP A 21 18.32 -15.82 -28.46
CA ASP A 21 18.04 -17.24 -28.25
C ASP A 21 17.99 -17.45 -26.76
N CYS A 22 18.09 -16.34 -26.03
CA CYS A 22 18.03 -16.39 -24.57
C CYS A 22 16.62 -16.74 -24.12
N GLY A 23 16.50 -17.13 -22.86
CA GLY A 23 15.20 -17.48 -22.31
C GLY A 23 14.68 -18.80 -22.84
N LEU A 24 15.26 -19.30 -23.92
CA LEU A 24 14.80 -20.56 -24.51
C LEU A 24 15.53 -21.78 -23.98
N ARG A 25 15.03 -22.26 -22.84
CA ARG A 25 15.59 -23.42 -22.14
C ARG A 25 15.78 -24.66 -23.01
N PRO A 26 17.01 -25.19 -23.05
CA PRO A 26 17.37 -26.39 -23.82
C PRO A 26 16.57 -27.62 -23.44
N LEU A 27 16.41 -27.84 -22.14
CA LEU A 27 15.67 -29.01 -21.69
C LEU A 27 14.17 -28.79 -21.65
N PHE A 28 13.71 -27.63 -22.10
CA PHE A 28 12.28 -27.38 -22.08
C PHE A 28 11.77 -26.73 -23.34
N GLU A 29 11.84 -25.41 -23.43
CA GLU A 29 11.35 -24.67 -24.60
C GLU A 29 11.85 -25.24 -25.93
N LYS A 30 13.13 -25.59 -25.99
CA LYS A 30 13.70 -26.16 -27.20
C LYS A 30 13.31 -27.65 -27.35
N LYS A 31 12.80 -28.25 -26.28
CA LYS A 31 12.42 -29.66 -26.30
C LYS A 31 10.91 -29.88 -26.20
N GLN A 32 10.14 -28.82 -26.48
CA GLN A 32 8.68 -28.86 -26.42
C GLN A 32 8.06 -29.28 -25.09
N VAL A 33 8.89 -29.43 -24.05
CA VAL A 33 8.41 -29.80 -22.73
C VAL A 33 8.28 -28.65 -21.70
N GLN A 34 7.11 -28.54 -21.08
CA GLN A 34 6.80 -27.54 -20.06
C GLN A 34 7.26 -28.00 -18.68
N ASP A 35 7.35 -27.09 -17.73
CA ASP A 35 7.75 -27.49 -16.38
C ASP A 35 6.56 -27.57 -15.44
N GLN A 36 6.74 -28.28 -14.33
CA GLN A 36 5.69 -28.48 -13.34
C GLN A 36 4.95 -27.22 -12.84
N THR A 37 5.68 -26.14 -12.64
CA THR A 37 5.06 -24.93 -12.14
C THR A 37 4.83 -23.81 -13.17
N GLU A 38 5.16 -24.10 -14.42
CA GLU A 38 5.00 -23.15 -15.50
C GLU A 38 3.60 -22.56 -15.62
N LYS A 39 2.58 -23.42 -15.74
CA LYS A 39 1.17 -23.02 -15.88
C LYS A 39 0.73 -21.99 -14.86
N GLU A 40 1.29 -22.07 -13.65
CA GLU A 40 0.94 -21.17 -12.58
C GLU A 40 1.12 -19.70 -13.05
N LEU A 41 2.22 -19.45 -13.76
CA LEU A 41 2.54 -18.13 -14.28
C LEU A 41 1.53 -17.60 -15.28
N PHE A 42 1.34 -18.34 -16.37
CA PHE A 42 0.38 -17.95 -17.42
C PHE A 42 -1.03 -17.82 -16.89
N GLU A 43 -1.41 -18.69 -15.96
CA GLU A 43 -2.71 -18.67 -15.29
C GLU A 43 -2.90 -17.31 -14.60
N SER A 44 -1.82 -16.76 -14.05
CA SER A 44 -1.86 -15.47 -13.36
C SER A 44 -1.91 -14.23 -14.26
N TYR A 45 -1.32 -14.29 -15.45
CA TYR A 45 -1.36 -13.14 -16.37
C TYR A 45 -2.77 -12.93 -16.92
N ILE A 46 -3.68 -13.86 -16.61
CA ILE A 46 -5.07 -13.81 -17.02
C ILE A 46 -5.31 -13.92 -18.53
N GLU A 47 -4.74 -13.01 -19.31
CA GLU A 47 -4.90 -13.00 -20.76
C GLU A 47 -4.42 -14.27 -21.43
N GLY A 48 -5.37 -15.07 -21.92
CA GLY A 48 -5.02 -16.29 -22.58
C GLY A 48 -4.96 -16.05 -24.07
N ARG A 49 -4.60 -17.09 -24.80
CA ARG A 49 -4.51 -17.04 -26.24
C ARG A 49 -5.67 -17.92 -26.73
N ILE B 1 15.17 -20.77 -0.22
CA ILE B 1 13.80 -20.22 -0.46
C ILE B 1 12.74 -20.87 0.46
N VAL B 2 11.87 -20.01 1.01
CA VAL B 2 10.78 -20.39 1.92
C VAL B 2 9.49 -20.79 1.19
N GLU B 3 9.01 -22.01 1.45
CA GLU B 3 7.79 -22.53 0.84
C GLU B 3 7.85 -22.73 -0.68
N GLY B 4 8.87 -23.48 -1.13
CA GLY B 4 9.01 -23.72 -2.54
C GLY B 4 9.13 -25.19 -2.84
N GLN B 5 9.17 -25.53 -4.12
CA GLN B 5 9.29 -26.91 -4.59
C GLN B 5 10.73 -27.12 -5.07
N ASP B 6 11.04 -28.34 -5.45
CA ASP B 6 12.37 -28.67 -5.96
C ASP B 6 12.44 -28.40 -7.46
N ALA B 7 13.43 -27.61 -7.83
CA ALA B 7 13.64 -27.26 -9.22
C ALA B 7 13.91 -28.51 -10.02
N GLU B 8 13.52 -28.48 -11.28
CA GLU B 8 13.75 -29.61 -12.16
C GLU B 8 15.17 -29.54 -12.69
N VAL B 9 15.64 -30.64 -13.25
CA VAL B 9 16.97 -30.63 -13.80
C VAL B 9 16.90 -29.81 -15.08
N GLY B 10 17.58 -28.67 -15.05
CA GLY B 10 17.61 -27.78 -16.20
C GLY B 10 16.53 -26.73 -16.18
N LEU B 11 15.70 -26.70 -15.15
CA LEU B 11 14.62 -25.72 -15.01
C LEU B 11 15.06 -24.26 -15.05
N SER B 12 16.31 -24.00 -14.73
CA SER B 12 16.80 -22.63 -14.73
C SER B 12 18.25 -22.55 -15.13
N PRO B 13 18.53 -22.70 -16.43
CA PRO B 13 19.89 -22.65 -16.99
C PRO B 13 20.71 -21.39 -16.80
N TRP B 14 20.11 -20.37 -16.20
CA TRP B 14 20.81 -19.11 -16.00
C TRP B 14 21.24 -18.88 -14.57
N GLN B 15 20.99 -19.85 -13.70
CA GLN B 15 21.39 -19.70 -12.31
C GLN B 15 22.93 -19.77 -12.18
N VAL B 16 23.44 -18.97 -11.26
CA VAL B 16 24.88 -18.91 -10.99
C VAL B 16 24.97 -18.73 -9.47
N MET B 17 25.98 -19.33 -8.86
CA MET B 17 26.14 -19.15 -7.43
C MET B 17 27.52 -18.60 -7.08
N LEU B 18 27.54 -17.37 -6.56
CA LEU B 18 28.78 -16.71 -6.15
C LEU B 18 29.31 -17.50 -4.97
N PHE B 19 30.29 -18.33 -5.27
CA PHE B 19 30.95 -19.16 -4.28
C PHE B 19 32.15 -18.39 -3.76
N ARG B 20 32.45 -18.62 -2.49
CA ARG B 20 33.59 -17.99 -1.86
C ARG B 20 34.74 -18.99 -1.99
N LYS B 21 35.95 -18.51 -2.26
CA LYS B 21 37.07 -19.41 -2.38
C LYS B 21 37.46 -19.97 -1.01
N SER B 22 37.94 -19.10 -0.13
CA SER B 22 38.30 -19.53 1.22
C SER B 22 37.91 -18.50 2.27
N PRO B 23 37.05 -18.92 3.23
CA PRO B 23 36.53 -20.28 3.26
C PRO B 23 35.49 -20.52 2.15
N GLN B 24 35.41 -21.75 1.68
CA GLN B 24 34.48 -22.06 0.62
C GLN B 24 33.02 -22.13 1.11
N GLU B 25 32.28 -21.05 0.86
CA GLU B 25 30.87 -20.96 1.27
C GLU B 25 30.03 -20.22 0.21
N LEU B 26 28.73 -20.52 0.15
CA LEU B 26 27.85 -19.87 -0.81
C LEU B 26 27.57 -18.46 -0.33
N LEU B 27 27.89 -17.50 -1.19
CA LEU B 27 27.70 -16.10 -0.88
C LEU B 27 26.30 -15.66 -1.34
N CYS B 28 26.06 -15.77 -2.63
CA CYS B 28 24.79 -15.38 -3.21
C CYS B 28 24.50 -16.15 -4.48
N GLY B 29 23.35 -15.83 -5.07
CA GLY B 29 22.95 -16.41 -6.33
C GLY B 29 23.24 -15.34 -7.38
N ALA B 30 23.28 -15.75 -8.64
CA ALA B 30 23.53 -14.81 -9.71
C ALA B 30 22.75 -15.22 -10.96
N SER B 31 22.94 -14.51 -12.06
CA SER B 31 22.23 -14.83 -13.27
C SER B 31 23.10 -14.57 -14.49
N LEU B 32 23.02 -15.46 -15.48
CA LEU B 32 23.79 -15.38 -16.72
C LEU B 32 22.99 -14.70 -17.85
N ILE B 33 23.49 -13.55 -18.32
CA ILE B 33 22.85 -12.80 -19.39
C ILE B 33 23.61 -12.86 -20.75
N SER B 34 24.84 -13.35 -20.72
CA SER B 34 25.68 -13.49 -21.91
C SER B 34 26.70 -14.59 -21.56
N ASP B 35 27.60 -14.97 -22.46
CA ASP B 35 28.57 -16.02 -22.12
C ASP B 35 29.68 -15.48 -21.22
N ARG B 36 29.72 -14.16 -21.04
CA ARG B 36 30.78 -13.57 -20.22
C ARG B 36 30.35 -12.51 -19.20
N TRP B 37 29.04 -12.39 -18.98
CA TRP B 37 28.49 -11.41 -18.05
C TRP B 37 27.53 -12.06 -17.07
N VAL B 38 27.67 -11.74 -15.80
CA VAL B 38 26.83 -12.34 -14.78
C VAL B 38 26.26 -11.27 -13.86
N LEU B 39 24.95 -11.22 -13.76
CA LEU B 39 24.27 -10.22 -12.94
C LEU B 39 23.99 -10.65 -11.49
N THR B 40 24.23 -9.74 -10.55
CA THR B 40 24.00 -10.00 -9.13
C THR B 40 23.54 -8.71 -8.44
N ALA B 41 23.33 -8.78 -7.12
CA ALA B 41 22.89 -7.63 -6.33
C ALA B 41 24.12 -6.99 -5.71
N ALA B 42 24.26 -5.68 -5.91
CA ALA B 42 25.41 -4.95 -5.42
C ALA B 42 25.85 -5.14 -3.95
N HIS B 43 24.96 -5.65 -3.11
CA HIS B 43 25.28 -5.86 -1.69
C HIS B 43 26.02 -7.16 -1.43
N CYS B 44 26.04 -8.03 -2.43
CA CYS B 44 26.72 -9.32 -2.34
C CYS B 44 28.22 -9.12 -2.54
N LEU B 45 28.60 -7.89 -2.88
CA LEU B 45 30.00 -7.55 -3.09
C LEU B 45 30.40 -6.35 -2.25
N LEU B 46 29.53 -5.36 -2.16
CA LEU B 46 29.84 -4.17 -1.37
C LEU B 46 28.83 -3.82 -0.26
N TYR B 47 29.14 -4.17 0.98
CA TYR B 47 28.28 -3.82 2.12
C TYR B 47 29.08 -3.48 3.36
N PRO B 48 29.54 -2.23 3.45
CA PRO B 48 30.33 -1.78 4.59
C PRO B 48 29.81 -2.22 5.96
N PRO B 49 28.48 -2.15 6.20
CA PRO B 49 27.96 -2.57 7.51
C PRO B 49 28.51 -3.96 7.90
N TRP B 50 28.24 -4.96 7.07
CA TRP B 50 28.73 -6.31 7.32
C TRP B 50 30.19 -6.40 6.83
N ASP B 51 30.89 -5.28 6.83
CA ASP B 51 32.27 -5.18 6.37
C ASP B 51 32.52 -5.80 5.00
N LYS B 52 31.44 -5.99 4.23
CA LYS B 52 31.53 -6.59 2.91
C LYS B 52 32.20 -5.72 1.85
N ASN B 53 33.21 -6.30 1.20
CA ASN B 53 33.96 -5.69 0.11
C ASN B 53 34.91 -6.72 -0.42
N PHE B 54 34.39 -7.56 -1.31
CA PHE B 54 35.16 -8.61 -1.93
C PHE B 54 35.99 -8.06 -3.08
N THR B 55 37.00 -8.84 -3.46
CA THR B 55 37.88 -8.50 -4.57
C THR B 55 37.55 -9.53 -5.63
N VAL B 56 38.23 -9.44 -6.77
CA VAL B 56 38.03 -10.38 -7.86
C VAL B 56 38.76 -11.68 -7.45
N ASP B 57 39.68 -11.55 -6.49
CA ASP B 57 40.45 -12.69 -5.99
C ASP B 57 39.68 -13.49 -4.95
N ASP B 58 38.55 -12.94 -4.51
CA ASP B 58 37.71 -13.60 -3.52
C ASP B 58 36.78 -14.60 -4.17
N LEU B 59 36.19 -14.16 -5.28
CA LEU B 59 35.19 -14.93 -6.00
C LEU B 59 35.48 -16.10 -6.94
N LEU B 60 34.47 -16.94 -7.06
CA LEU B 60 34.47 -18.12 -7.89
C LEU B 60 33.02 -18.27 -8.33
N VAL B 61 32.82 -18.35 -9.64
CA VAL B 61 31.48 -18.48 -10.20
C VAL B 61 31.13 -19.92 -10.57
N ARG B 62 30.01 -20.42 -10.05
CA ARG B 62 29.56 -21.77 -10.36
C ARG B 62 28.27 -21.70 -11.17
N ILE B 63 28.33 -22.19 -12.41
CA ILE B 63 27.18 -22.19 -13.30
C ILE B 63 26.69 -23.62 -13.60
N GLY B 64 25.38 -23.75 -13.84
CA GLY B 64 24.81 -25.05 -14.17
C GLY B 64 24.72 -26.09 -13.06
N LYS B 65 24.79 -25.62 -11.81
CA LYS B 65 24.73 -26.48 -10.64
C LYS B 65 23.30 -26.71 -10.14
N HIS B 66 23.00 -27.91 -9.67
CA HIS B 66 21.65 -28.23 -9.20
C HIS B 66 21.69 -28.93 -7.84
N SER B 67 22.89 -29.03 -7.29
CA SER B 67 23.10 -29.61 -5.96
C SER B 67 23.62 -28.39 -5.19
N ARG B 68 23.56 -28.41 -3.87
CA ARG B 68 24.02 -27.25 -3.14
C ARG B 68 25.53 -27.29 -2.95
N THR B 69 26.00 -28.43 -2.48
CA THR B 69 27.41 -28.65 -2.17
C THR B 69 28.19 -29.47 -3.19
N ARG B 70 27.53 -30.50 -3.71
CA ARG B 70 28.14 -31.43 -4.63
C ARG B 70 28.80 -30.84 -5.87
N TYR B 71 30.09 -31.10 -6.02
CA TYR B 71 30.84 -30.65 -7.19
C TYR B 71 30.41 -31.53 -8.36
N GLU B 72 29.51 -31.03 -9.19
CA GLU B 72 29.00 -31.83 -10.30
C GLU B 72 29.98 -31.93 -11.45
N ARG B 73 30.95 -32.82 -11.25
CA ARG B 73 32.03 -33.13 -12.19
C ARG B 73 31.69 -32.93 -13.67
N LYS B 74 30.57 -33.51 -14.11
CA LYS B 74 30.19 -33.43 -15.52
C LYS B 74 29.11 -32.47 -16.00
N VAL B 75 28.60 -31.59 -15.13
CA VAL B 75 27.55 -30.68 -15.59
C VAL B 75 27.68 -29.20 -15.16
N GLU B 76 28.44 -28.94 -14.10
CA GLU B 76 28.62 -27.58 -13.61
C GLU B 76 29.95 -26.98 -14.07
N LYS B 77 29.89 -25.76 -14.58
CA LYS B 77 31.09 -25.07 -15.07
C LYS B 77 31.52 -24.00 -14.08
N ILE B 78 32.76 -24.09 -13.64
CA ILE B 78 33.31 -23.11 -12.72
C ILE B 78 34.12 -22.13 -13.57
N SER B 79 34.04 -20.86 -13.22
CA SER B 79 34.76 -19.83 -13.94
C SER B 79 35.30 -18.80 -12.97
N MET B 80 36.15 -17.94 -13.49
CA MET B 80 36.76 -16.90 -12.69
C MET B 80 36.42 -15.55 -13.30
N LEU B 81 36.24 -14.56 -12.44
CA LEU B 81 35.88 -13.21 -12.85
C LEU B 81 37.12 -12.46 -13.30
N ASP B 82 36.87 -11.30 -13.91
CA ASP B 82 37.91 -10.40 -14.38
C ASP B 82 37.68 -9.11 -13.63
N LYS B 83 36.66 -8.36 -14.07
CA LYS B 83 36.33 -7.10 -13.45
C LYS B 83 35.00 -7.28 -12.72
N ILE B 84 34.67 -6.30 -11.89
CA ILE B 84 33.42 -6.30 -11.13
C ILE B 84 32.90 -4.87 -11.24
N TYR B 85 31.77 -4.69 -11.89
CA TYR B 85 31.20 -3.37 -12.06
C TYR B 85 30.03 -3.18 -11.11
N ILE B 86 30.18 -2.24 -10.20
CA ILE B 86 29.13 -1.95 -9.24
C ILE B 86 28.57 -0.57 -9.57
N HIS B 87 27.26 -0.45 -9.59
CA HIS B 87 26.63 0.83 -9.90
C HIS B 87 27.20 1.96 -9.04
N PRO B 88 27.54 3.09 -9.67
CA PRO B 88 28.09 4.27 -8.97
C PRO B 88 27.20 4.81 -7.83
N ARG B 89 25.97 5.18 -8.17
CA ARG B 89 25.01 5.71 -7.21
C ARG B 89 24.26 4.60 -6.48
N TYR B 90 25.00 3.64 -5.93
CA TYR B 90 24.38 2.55 -5.19
C TYR B 90 24.23 3.06 -3.75
N ASN B 91 23.00 2.99 -3.23
CA ASN B 91 22.65 3.49 -1.89
C ASN B 91 22.72 2.43 -0.78
N TRP B 92 23.91 2.01 -0.42
CA TRP B 92 24.07 0.99 0.62
C TRP B 92 23.83 1.47 2.05
N LYS B 93 23.40 2.72 2.24
CA LYS B 93 23.20 3.22 3.61
C LYS B 93 21.84 3.82 3.94
N GLU B 94 21.04 4.15 2.93
CA GLU B 94 19.74 4.76 3.19
C GLU B 94 18.52 3.94 2.73
N ASN B 95 18.74 3.00 1.81
CA ASN B 95 17.66 2.15 1.29
C ASN B 95 18.07 1.07 0.30
N LEU B 96 19.36 0.75 0.27
CA LEU B 96 19.91 -0.28 -0.64
C LEU B 96 19.45 -0.04 -2.08
N ASP B 97 19.35 1.23 -2.47
CA ASP B 97 18.91 1.59 -3.81
C ASP B 97 19.96 1.22 -4.86
N ARG B 98 19.50 1.06 -6.10
CA ARG B 98 20.35 0.71 -7.26
C ARG B 98 21.28 -0.45 -6.93
N ASP B 99 20.69 -1.46 -6.31
CA ASP B 99 21.37 -2.66 -5.86
C ASP B 99 21.54 -3.68 -6.99
N ILE B 100 22.42 -3.36 -7.94
CA ILE B 100 22.71 -4.20 -9.10
C ILE B 100 24.23 -4.20 -9.44
N ALA B 101 24.74 -5.35 -9.88
CA ALA B 101 26.14 -5.48 -10.20
C ALA B 101 26.36 -6.42 -11.34
N LEU B 102 27.46 -6.23 -12.05
CA LEU B 102 27.83 -7.06 -13.20
C LEU B 102 29.27 -7.56 -13.07
N LEU B 103 29.46 -8.85 -13.25
CA LEU B 103 30.79 -9.45 -13.18
C LEU B 103 31.15 -9.92 -14.59
N LYS B 104 32.37 -9.63 -15.02
CA LYS B 104 32.82 -10.09 -16.34
C LYS B 104 33.61 -11.37 -16.14
N LEU B 105 33.35 -12.37 -16.95
CA LEU B 105 34.08 -13.60 -16.81
C LEU B 105 35.41 -13.47 -17.54
N LYS B 106 36.43 -14.12 -16.99
CA LYS B 106 37.75 -14.13 -17.60
C LYS B 106 37.77 -15.26 -18.61
N ARG B 107 36.58 -15.67 -19.04
CA ARG B 107 36.46 -16.77 -19.97
C ARG B 107 35.00 -17.01 -20.37
N PRO B 108 34.69 -16.90 -21.67
CA PRO B 108 33.30 -17.14 -22.07
C PRO B 108 33.09 -18.66 -21.94
N ILE B 109 32.16 -19.04 -21.06
CA ILE B 109 31.84 -20.45 -20.77
C ILE B 109 31.21 -21.28 -21.89
N GLU B 110 31.41 -22.58 -21.80
CA GLU B 110 30.89 -23.52 -22.78
C GLU B 110 29.41 -23.81 -22.50
N LEU B 111 28.53 -23.01 -23.09
CA LEU B 111 27.08 -23.16 -22.92
C LEU B 111 26.56 -24.57 -23.19
N SER B 112 25.99 -25.18 -22.16
CA SER B 112 25.45 -26.53 -22.25
C SER B 112 23.94 -26.53 -22.05
N ASP B 113 23.36 -27.72 -21.95
CA ASP B 113 21.92 -27.85 -21.74
C ASP B 113 21.51 -27.23 -20.40
N TYR B 114 22.51 -27.00 -19.53
CA TYR B 114 22.29 -26.43 -18.21
C TYR B 114 22.78 -25.00 -18.04
N ILE B 115 23.70 -24.59 -18.89
CA ILE B 115 24.21 -23.24 -18.84
C ILE B 115 23.59 -22.54 -20.04
N HIS B 116 22.51 -21.80 -19.83
CA HIS B 116 21.85 -21.11 -20.93
C HIS B 116 21.21 -19.86 -20.39
N PRO B 117 21.76 -18.66 -20.72
CA PRO B 117 21.31 -17.32 -20.31
C PRO B 117 19.83 -16.90 -20.41
N VAL B 118 19.51 -15.87 -19.62
CA VAL B 118 18.17 -15.31 -19.55
C VAL B 118 18.09 -14.07 -20.44
N CYS B 119 16.88 -13.60 -20.73
CA CYS B 119 16.71 -12.40 -21.55
C CYS B 119 16.45 -11.20 -20.65
N LEU B 120 16.82 -10.00 -21.11
CA LEU B 120 16.59 -8.77 -20.36
C LEU B 120 15.30 -8.17 -20.92
N PRO B 121 14.60 -7.30 -20.16
CA PRO B 121 13.34 -6.70 -20.62
C PRO B 121 13.40 -5.69 -21.78
N ASP B 122 12.40 -5.74 -22.65
CA ASP B 122 12.31 -4.77 -23.74
C ASP B 122 11.10 -3.92 -23.38
N LYS B 123 11.12 -2.65 -23.77
CA LYS B 123 10.04 -1.71 -23.44
C LYS B 123 8.67 -2.35 -23.36
N GLN B 124 8.37 -3.20 -24.34
CA GLN B 124 7.09 -3.89 -24.43
C GLN B 124 6.87 -4.96 -23.37
N THR B 125 7.88 -5.79 -23.16
CA THR B 125 7.79 -6.87 -22.18
C THR B 125 7.71 -6.31 -20.76
N ALA B 126 8.48 -5.25 -20.50
CA ALA B 126 8.49 -4.62 -19.20
C ALA B 126 7.07 -4.12 -18.94
N ALA B 127 6.52 -3.47 -19.95
CA ALA B 127 5.16 -2.90 -19.89
C ALA B 127 4.03 -3.90 -19.81
N LYS B 128 4.06 -4.91 -20.66
CA LYS B 128 3.04 -5.93 -20.70
C LYS B 128 3.06 -6.88 -19.50
N LEU B 129 4.24 -7.43 -19.19
CA LEU B 129 4.39 -8.37 -18.10
C LEU B 129 4.38 -7.84 -16.69
N LEU B 130 5.09 -6.73 -16.45
CA LEU B 130 5.19 -6.20 -15.10
C LEU B 130 3.93 -5.57 -14.55
N HIS B 131 2.96 -6.42 -14.25
CA HIS B 131 1.71 -5.96 -13.71
C HIS B 131 1.45 -6.58 -12.35
N ALA B 132 0.91 -5.75 -11.46
CA ALA B 132 0.57 -6.16 -10.12
C ALA B 132 -0.35 -7.36 -10.22
N GLY B 133 0.08 -8.47 -9.62
CA GLY B 133 -0.70 -9.69 -9.66
C GLY B 133 0.03 -10.75 -10.43
N PHE B 134 0.73 -10.32 -11.47
CA PHE B 134 1.48 -11.24 -12.32
C PHE B 134 2.62 -11.93 -11.58
N LYS B 135 2.57 -13.25 -11.53
CA LYS B 135 3.59 -14.03 -10.81
C LYS B 135 4.96 -14.08 -11.46
N GLY B 136 5.97 -14.20 -10.60
CA GLY B 136 7.34 -14.28 -11.05
C GLY B 136 8.03 -15.37 -10.27
N ARG B 137 8.75 -16.22 -10.98
CA ARG B 137 9.47 -17.34 -10.39
C ARG B 137 10.82 -16.91 -9.87
N VAL B 138 11.13 -17.29 -8.64
CA VAL B 138 12.41 -16.99 -8.02
C VAL B 138 13.06 -18.27 -7.52
N THR B 139 14.31 -18.48 -7.90
CA THR B 139 15.08 -19.67 -7.55
C THR B 139 16.25 -19.35 -6.63
N GLY B 140 16.75 -20.34 -5.91
CA GLY B 140 17.88 -20.13 -5.02
C GLY B 140 18.11 -21.16 -3.91
N TRP B 141 19.38 -21.44 -3.62
CA TRP B 141 19.74 -22.41 -2.60
C TRP B 141 19.77 -21.88 -1.18
N GLY B 142 19.23 -20.69 -0.97
CA GLY B 142 19.24 -20.12 0.36
C GLY B 142 18.25 -20.73 1.33
N ASN B 143 18.32 -20.20 2.55
CA ASN B 143 17.50 -20.58 3.69
C ASN B 143 16.06 -20.91 3.40
N ARG B 144 15.60 -22.02 4.00
CA ARG B 144 14.23 -22.48 3.85
C ARG B 144 13.39 -21.99 5.03
N ARG B 145 14.06 -21.37 6.00
CA ARG B 145 13.42 -20.81 7.18
C ARG B 145 14.40 -19.80 7.74
N GLU B 146 13.91 -18.60 7.91
CA GLU B 146 14.64 -17.46 8.45
C GLU B 146 15.53 -17.81 9.67
N THR B 147 16.83 -17.57 9.56
CA THR B 147 17.75 -17.84 10.66
C THR B 147 18.71 -16.70 10.89
N TRP B 148 19.02 -16.47 12.16
CA TRP B 148 19.95 -15.42 12.59
C TRP B 148 21.30 -16.12 12.62
N THR B 149 21.64 -16.74 13.75
CA THR B 149 22.89 -17.49 13.83
C THR B 149 22.50 -18.78 13.09
N THR B 150 22.69 -18.70 11.78
CA THR B 150 22.36 -19.71 10.78
C THR B 150 22.88 -21.15 10.90
N SER B 151 22.87 -21.81 9.74
CA SER B 151 23.32 -23.18 9.52
C SER B 151 22.42 -24.38 9.81
N VAL B 152 22.77 -25.46 9.12
CA VAL B 152 22.09 -26.76 9.10
C VAL B 152 21.48 -27.50 10.30
N ALA B 153 20.20 -27.74 10.11
CA ALA B 153 19.29 -28.49 10.98
C ALA B 153 18.19 -28.74 9.94
N GLU B 154 18.63 -28.68 8.68
CA GLU B 154 17.86 -28.81 7.44
C GLU B 154 17.22 -27.47 7.10
N VAL B 155 17.99 -26.40 7.27
CA VAL B 155 17.53 -25.07 6.94
C VAL B 155 17.92 -24.88 5.47
N GLN B 156 19.15 -25.22 5.14
CA GLN B 156 19.62 -25.10 3.77
C GLN B 156 19.16 -26.29 2.96
N PRO B 157 18.75 -26.06 1.70
CA PRO B 157 18.26 -27.07 0.75
C PRO B 157 19.31 -27.82 -0.07
N SER B 158 19.00 -29.09 -0.36
CA SER B 158 19.86 -29.99 -1.13
C SER B 158 20.05 -29.55 -2.60
N VAL B 159 18.94 -29.37 -3.30
CA VAL B 159 18.96 -28.94 -4.70
C VAL B 159 18.20 -27.63 -4.86
N LEU B 160 18.27 -27.02 -6.05
CA LEU B 160 17.60 -25.74 -6.31
C LEU B 160 16.15 -25.70 -5.83
N GLN B 161 15.77 -24.53 -5.33
CA GLN B 161 14.44 -24.26 -4.80
C GLN B 161 13.71 -23.25 -5.67
N VAL B 162 12.48 -23.55 -6.02
CA VAL B 162 11.71 -22.67 -6.89
C VAL B 162 10.42 -22.27 -6.20
N VAL B 163 9.98 -21.05 -6.45
CA VAL B 163 8.76 -20.53 -5.87
C VAL B 163 8.28 -19.42 -6.80
N ASN B 164 6.97 -19.37 -7.05
CA ASN B 164 6.40 -18.33 -7.91
C ASN B 164 5.60 -17.43 -7.04
N LEU B 165 6.05 -16.18 -6.94
CA LEU B 165 5.41 -15.16 -6.12
C LEU B 165 4.81 -14.12 -7.02
N PRO B 166 3.58 -13.67 -6.72
CA PRO B 166 2.88 -12.66 -7.50
C PRO B 166 3.44 -11.29 -7.14
N LEU B 167 3.30 -10.32 -8.05
CA LEU B 167 3.80 -8.95 -7.80
C LEU B 167 2.78 -8.15 -6.98
N VAL B 168 3.28 -7.22 -6.17
CA VAL B 168 2.44 -6.39 -5.30
C VAL B 168 2.32 -4.94 -5.78
N GLU B 169 1.15 -4.32 -5.58
CA GLU B 169 0.94 -2.93 -5.97
C GLU B 169 1.91 -2.06 -5.16
N ARG B 170 2.58 -1.14 -5.84
CA ARG B 170 3.57 -0.28 -5.19
C ARG B 170 3.11 0.41 -3.91
N PRO B 171 1.90 0.99 -3.90
CA PRO B 171 1.42 1.66 -2.70
C PRO B 171 1.41 0.70 -1.50
N VAL B 172 1.33 -0.59 -1.78
CA VAL B 172 1.31 -1.62 -0.74
C VAL B 172 2.74 -1.97 -0.31
N CYS B 173 3.70 -1.91 -1.24
CA CYS B 173 5.09 -2.18 -0.86
C CYS B 173 5.56 -1.03 0.04
N LYS B 174 5.23 0.20 -0.35
CA LYS B 174 5.58 1.42 0.40
C LYS B 174 4.99 1.34 1.81
N ALA B 175 3.72 0.94 1.85
CA ALA B 175 3.00 0.76 3.10
C ALA B 175 3.19 -0.74 3.41
N SER B 176 4.42 -1.08 3.78
CA SER B 176 4.86 -2.44 4.15
C SER B 176 6.10 -2.27 5.02
N THR B 177 6.87 -1.24 4.72
CA THR B 177 8.08 -0.95 5.45
C THR B 177 8.08 0.52 5.86
N ARG B 178 9.23 1.00 6.28
CA ARG B 178 9.39 2.40 6.67
C ARG B 178 10.56 2.96 5.86
N ILE B 179 11.24 2.06 5.17
CA ILE B 179 12.38 2.37 4.33
C ILE B 179 11.94 3.08 3.04
N ARG B 180 12.66 4.16 2.67
CA ARG B 180 12.33 4.91 1.47
C ARG B 180 12.41 4.04 0.22
N ILE B 181 11.24 3.64 -0.28
CA ILE B 181 11.16 2.80 -1.48
C ILE B 181 11.18 3.69 -2.74
N THR B 182 12.08 3.38 -3.66
CA THR B 182 12.19 4.14 -4.89
C THR B 182 11.53 3.44 -6.06
N ASP B 183 11.71 3.98 -7.26
CA ASP B 183 11.17 3.38 -8.44
C ASP B 183 12.31 2.63 -9.14
N ASN B 184 13.24 2.20 -8.31
CA ASN B 184 14.41 1.43 -8.74
C ASN B 184 14.37 0.05 -8.06
N MET B 185 13.23 -0.27 -7.47
CA MET B 185 13.00 -1.55 -6.79
C MET B 185 11.50 -1.74 -6.54
N PHE B 186 11.00 -2.92 -6.92
CA PHE B 186 9.59 -3.27 -6.72
C PHE B 186 9.54 -4.40 -5.71
N CYS B 187 8.35 -4.82 -5.29
CA CYS B 187 8.25 -5.93 -4.34
C CYS B 187 7.22 -6.97 -4.76
N ALA B 188 7.39 -8.19 -4.25
CA ALA B 188 6.51 -9.30 -4.60
C ALA B 188 6.17 -10.18 -3.40
N GLY B 189 4.99 -10.79 -3.44
CA GLY B 189 4.57 -11.66 -2.36
C GLY B 189 3.06 -11.73 -2.19
N TYR B 190 2.59 -12.80 -1.55
CA TYR B 190 1.16 -12.95 -1.30
C TYR B 190 0.80 -12.02 -0.15
N LYS B 191 -0.38 -11.40 -0.23
CA LYS B 191 -0.82 -10.52 0.83
C LYS B 191 -1.16 -11.38 2.04
N PRO B 192 -1.31 -10.78 3.22
CA PRO B 192 -1.66 -11.58 4.41
C PRO B 192 -2.96 -12.36 4.15
N GLY B 193 -4.03 -11.62 3.83
CA GLY B 193 -5.28 -12.25 3.46
C GLY B 193 -4.97 -12.57 2.01
N GLU B 194 -4.67 -13.84 1.77
CA GLU B 194 -4.32 -14.41 0.45
C GLU B 194 -4.17 -15.88 0.82
N GLY B 195 -4.34 -16.79 -0.14
CA GLY B 195 -4.23 -18.18 0.21
C GLY B 195 -2.96 -18.95 -0.05
N LYS B 196 -1.79 -18.33 0.05
CA LYS B 196 -0.56 -19.03 -0.25
C LYS B 196 0.61 -18.33 0.44
N ARG B 197 1.70 -19.06 0.69
CA ARG B 197 2.90 -18.47 1.30
C ARG B 197 4.08 -18.56 0.32
N GLY B 198 5.29 -18.40 0.85
CA GLY B 198 6.50 -18.47 0.04
C GLY B 198 7.29 -17.17 0.05
N ASP B 199 8.56 -17.23 -0.32
CA ASP B 199 9.42 -16.04 -0.39
C ASP B 199 10.90 -16.41 -0.47
N ALA B 200 11.71 -15.45 -0.89
CA ALA B 200 13.16 -15.64 -0.99
C ALA B 200 13.74 -15.32 0.37
N CYS B 201 14.79 -16.05 0.74
CA CYS B 201 15.42 -15.83 2.02
C CYS B 201 16.92 -15.60 1.87
N GLU B 202 17.66 -15.79 2.96
CA GLU B 202 19.12 -15.60 2.95
C GLU B 202 19.82 -16.68 2.14
N GLY B 203 20.61 -16.25 1.16
CA GLY B 203 21.33 -17.18 0.31
C GLY B 203 20.85 -17.11 -1.13
N ASP B 204 19.61 -16.65 -1.29
CA ASP B 204 18.97 -16.51 -2.60
C ASP B 204 19.30 -15.16 -3.22
N SER B 205 19.74 -14.24 -2.36
CA SER B 205 20.11 -12.87 -2.74
C SER B 205 20.99 -12.87 -3.98
N GLY B 206 20.75 -11.92 -4.88
CA GLY B 206 21.51 -11.88 -6.11
C GLY B 206 20.73 -12.61 -7.18
N GLY B 207 20.07 -13.69 -6.78
CA GLY B 207 19.27 -14.51 -7.68
C GLY B 207 18.26 -13.80 -8.56
N PRO B 208 17.90 -14.40 -9.70
CA PRO B 208 16.94 -13.80 -10.63
C PRO B 208 15.46 -14.00 -10.35
N PHE B 209 14.70 -12.95 -10.59
CA PHE B 209 13.25 -12.98 -10.47
C PHE B 209 12.97 -12.93 -11.96
N VAL B 210 12.49 -14.03 -12.52
CA VAL B 210 12.23 -14.10 -13.95
C VAL B 210 10.73 -14.15 -14.22
N MET B 211 10.34 -14.05 -15.47
CA MET B 211 8.93 -14.15 -15.84
C MET B 211 8.91 -14.73 -17.25
N LYS B 212 7.94 -15.58 -17.55
CA LYS B 212 7.87 -16.13 -18.90
C LYS B 212 6.86 -15.32 -19.71
N SER B 213 7.32 -14.81 -20.85
CA SER B 213 6.44 -14.01 -21.71
C SER B 213 5.39 -14.91 -22.36
N PRO B 214 4.14 -14.44 -22.40
CA PRO B 214 3.11 -15.25 -23.02
C PRO B 214 3.00 -14.94 -24.53
N TYR B 215 3.41 -13.74 -24.92
CA TYR B 215 3.36 -13.32 -26.33
C TYR B 215 4.52 -14.00 -27.01
N ASN B 216 5.68 -13.82 -26.43
CA ASN B 216 6.91 -14.45 -26.87
C ASN B 216 6.85 -15.70 -25.96
N ASN B 217 7.75 -16.66 -26.11
CA ASN B 217 7.71 -17.86 -25.27
C ASN B 217 9.06 -18.05 -24.57
N ARG B 218 9.75 -16.94 -24.38
CA ARG B 218 11.04 -16.99 -23.74
C ARG B 218 10.98 -16.35 -22.34
N TRP B 219 12.04 -16.53 -21.56
CA TRP B 219 12.09 -15.98 -20.21
C TRP B 219 12.78 -14.64 -20.13
N TYR B 220 12.29 -13.80 -19.22
CA TYR B 220 12.83 -12.45 -19.02
C TYR B 220 13.11 -12.10 -17.56
N GLN B 221 14.35 -11.75 -17.28
CA GLN B 221 14.71 -11.37 -15.93
C GLN B 221 14.07 -10.02 -15.68
N MET B 222 13.16 -9.99 -14.72
CA MET B 222 12.44 -8.78 -14.38
C MET B 222 12.99 -8.15 -13.11
N GLY B 223 13.80 -8.91 -12.37
CA GLY B 223 14.38 -8.39 -11.14
C GLY B 223 15.45 -9.27 -10.55
N ILE B 224 16.16 -8.76 -9.54
CA ILE B 224 17.19 -9.52 -8.85
C ILE B 224 16.98 -9.38 -7.35
N VAL B 225 16.86 -10.52 -6.67
CA VAL B 225 16.65 -10.62 -5.23
C VAL B 225 17.54 -9.66 -4.40
N SER B 226 17.02 -8.49 -4.05
CA SER B 226 17.82 -7.55 -3.27
C SER B 226 17.70 -7.70 -1.78
N TRP B 227 16.54 -7.37 -1.23
CA TRP B 227 16.33 -7.46 0.21
C TRP B 227 14.88 -7.58 0.64
N GLY B 228 14.72 -8.09 1.86
CA GLY B 228 13.41 -8.22 2.48
C GLY B 228 13.58 -8.00 3.96
N GLU B 229 12.49 -7.95 4.71
CA GLU B 229 12.56 -7.76 6.15
C GLU B 229 12.15 -9.06 6.85
N GLY B 230 13.00 -10.07 6.77
CA GLY B 230 12.69 -11.37 7.35
C GLY B 230 12.06 -12.19 6.25
N CYS B 231 12.26 -13.51 6.28
CA CYS B 231 11.71 -14.37 5.23
C CYS B 231 10.30 -14.92 5.51
N ASP B 232 9.34 -14.56 4.66
CA ASP B 232 7.94 -15.03 4.75
C ASP B 232 7.15 -14.56 5.97
N ARG B 233 7.31 -13.28 6.32
CA ARG B 233 6.64 -12.67 7.47
C ARG B 233 5.35 -12.00 7.02
N ASP B 234 4.22 -12.40 7.61
CA ASP B 234 2.92 -11.83 7.21
C ASP B 234 2.85 -10.31 7.27
N GLY B 235 2.65 -9.70 6.11
CA GLY B 235 2.56 -8.26 6.02
C GLY B 235 3.84 -7.59 5.54
N LYS B 236 4.86 -8.41 5.27
CA LYS B 236 6.16 -7.94 4.76
C LYS B 236 6.46 -8.67 3.46
N TYR B 237 6.84 -7.93 2.43
CA TYR B 237 7.14 -8.55 1.14
C TYR B 237 8.61 -8.44 0.74
N GLY B 238 8.99 -9.18 -0.29
CA GLY B 238 10.37 -9.16 -0.73
C GLY B 238 10.58 -8.09 -1.77
N PHE B 239 11.68 -7.37 -1.66
CA PHE B 239 12.01 -6.33 -2.60
C PHE B 239 13.02 -6.83 -3.60
N TYR B 240 12.85 -6.45 -4.86
CA TYR B 240 13.75 -6.87 -5.92
C TYR B 240 14.21 -5.64 -6.71
N THR B 241 15.42 -5.71 -7.27
CA THR B 241 15.95 -4.60 -8.06
C THR B 241 15.19 -4.57 -9.38
N HIS B 242 14.64 -3.41 -9.72
CA HIS B 242 13.92 -3.26 -10.97
C HIS B 242 14.96 -3.29 -12.09
N VAL B 243 15.08 -4.45 -12.76
CA VAL B 243 16.05 -4.62 -13.85
C VAL B 243 15.87 -3.70 -15.03
N PHE B 244 14.63 -3.51 -15.48
CA PHE B 244 14.36 -2.64 -16.62
C PHE B 244 14.65 -1.16 -16.31
N ARG B 245 14.23 -0.69 -15.14
CA ARG B 245 14.46 0.70 -14.76
C ARG B 245 15.93 1.05 -14.63
N LEU B 246 16.80 0.03 -14.57
CA LEU B 246 18.26 0.24 -14.48
C LEU B 246 18.99 -0.35 -15.68
N LYS B 247 18.25 -0.66 -16.74
CA LYS B 247 18.84 -1.30 -17.91
C LYS B 247 19.90 -0.48 -18.63
N LYS B 248 19.66 0.81 -18.77
CA LYS B 248 20.61 1.69 -19.46
C LYS B 248 22.02 1.45 -18.89
N TRP B 249 22.15 1.40 -17.56
CA TRP B 249 23.44 1.18 -16.91
C TRP B 249 24.05 -0.15 -17.33
N ILE B 250 23.21 -1.13 -17.65
CA ILE B 250 23.70 -2.44 -18.09
C ILE B 250 24.30 -2.26 -19.50
N GLN B 251 23.56 -1.58 -20.36
CA GLN B 251 24.01 -1.36 -21.73
C GLN B 251 25.31 -0.56 -21.68
N LYS B 252 25.28 0.56 -20.96
CA LYS B 252 26.41 1.47 -20.81
C LYS B 252 27.68 0.83 -20.24
N VAL B 253 27.53 -0.31 -19.58
CA VAL B 253 28.66 -1.03 -18.98
C VAL B 253 29.12 -2.18 -19.88
N ILE B 254 28.18 -2.84 -20.56
CA ILE B 254 28.51 -3.95 -21.43
C ILE B 254 28.92 -3.43 -22.83
N ASP B 255 28.28 -2.35 -23.27
CA ASP B 255 28.52 -1.76 -24.58
C ASP B 255 28.15 -2.69 -25.73
N ARG B 256 27.06 -3.40 -25.53
CA ARG B 256 26.49 -4.33 -26.50
C ARG B 256 25.32 -3.51 -27.05
N LEU B 257 25.67 -2.55 -27.92
CA LEU B 257 24.69 -1.61 -28.46
C LEU B 257 24.47 -1.66 -29.97
N GLY B 258 23.97 -0.53 -30.49
CA GLY B 258 23.65 -0.35 -31.90
C GLY B 258 24.34 -1.08 -33.03
N SER B 259 23.59 -1.97 -33.68
CA SER B 259 24.08 -2.75 -34.82
C SER B 259 22.93 -3.57 -35.43
N HIS C 1 25.87 -18.46 3.33
CA HIS C 1 26.44 -17.48 4.30
C HIS C 1 27.25 -18.06 5.45
N ASN C 2 27.14 -19.37 5.67
CA ASN C 2 27.88 -20.05 6.74
C ASN C 2 28.42 -21.38 6.21
N ASP C 3 28.46 -22.43 7.03
CA ASP C 3 28.99 -23.67 6.50
C ASP C 3 28.50 -25.03 6.98
N GLY C 4 28.16 -25.81 5.97
CA GLY C 4 27.73 -27.18 6.10
C GLY C 4 28.53 -27.64 4.91
N ASP C 5 29.81 -27.90 5.20
CA ASP C 5 30.82 -28.31 4.23
C ASP C 5 30.33 -28.56 2.81
N PHE C 6 31.19 -28.12 1.91
CA PHE C 6 31.03 -28.14 0.50
C PHE C 6 32.11 -29.09 0.00
N GLU C 7 31.78 -29.82 -1.06
CA GLU C 7 32.68 -30.80 -1.64
C GLU C 7 33.85 -30.24 -2.51
N GLU C 8 34.89 -31.05 -2.62
CA GLU C 8 36.14 -30.73 -3.33
C GLU C 8 36.03 -30.09 -4.71
N ILE C 9 36.91 -29.13 -4.99
CA ILE C 9 36.99 -28.43 -6.28
C ILE C 9 38.47 -28.40 -6.70
N PRO C 10 38.74 -28.50 -8.01
CA PRO C 10 40.10 -28.46 -8.57
C PRO C 10 40.91 -27.24 -8.11
N GLU C 11 41.82 -27.44 -7.16
CA GLU C 11 42.57 -26.34 -6.58
C GLU C 11 43.49 -25.39 -7.34
N GLU C 12 43.34 -25.25 -8.67
CA GLU C 12 44.14 -24.27 -9.40
C GLU C 12 43.23 -23.04 -9.52
N TYR C 13 42.27 -23.00 -8.62
CA TYR C 13 41.30 -21.92 -8.48
C TYR C 13 41.75 -21.28 -7.16
N LEU C 14 42.19 -22.15 -6.25
CA LEU C 14 42.67 -21.79 -4.92
C LEU C 14 44.15 -21.39 -4.89
N GLN C 15 44.90 -21.89 -5.87
CA GLN C 15 46.32 -21.58 -6.01
C GLN C 15 46.58 -21.52 -7.51
N THR D 14 -27.14 19.02 -16.42
CA THR D 14 -26.12 20.04 -16.02
C THR D 14 -25.55 19.73 -14.65
N PHE D 15 -24.45 20.40 -14.32
CA PHE D 15 -23.81 20.25 -13.02
C PHE D 15 -23.94 21.56 -12.26
N GLY D 16 -25.06 22.22 -12.51
CA GLY D 16 -25.37 23.48 -11.85
C GLY D 16 -26.16 23.18 -10.58
N ALA D 17 -26.08 21.93 -10.15
CA ALA D 17 -26.74 21.48 -8.94
C ALA D 17 -25.80 21.85 -7.80
N GLY D 18 -26.15 22.92 -7.09
CA GLY D 18 -25.36 23.40 -5.97
C GLY D 18 -26.21 24.46 -5.33
N GLU D 19 -25.62 25.28 -4.47
CA GLU D 19 -26.41 26.32 -3.80
C GLU D 19 -25.81 27.71 -3.78
N ALA D 20 -25.28 28.15 -4.92
CA ALA D 20 -24.67 29.47 -5.10
C ALA D 20 -23.47 29.68 -4.18
N ASP D 21 -23.73 29.68 -2.87
CA ASP D 21 -22.70 29.86 -1.87
C ASP D 21 -22.63 28.73 -0.85
N CYS D 22 -22.16 27.58 -1.29
CA CYS D 22 -21.99 26.43 -0.42
C CYS D 22 -20.47 26.28 -0.25
N GLY D 23 -20.01 25.98 0.96
CA GLY D 23 -18.59 25.81 1.18
C GLY D 23 -17.81 27.09 1.38
N LEU D 24 -18.48 28.24 1.32
CA LEU D 24 -17.83 29.53 1.53
C LEU D 24 -18.23 30.05 2.90
N ARG D 25 -17.43 29.72 3.90
CA ARG D 25 -17.73 30.14 5.26
C ARG D 25 -17.59 31.63 5.49
N PRO D 26 -18.65 32.27 6.01
CA PRO D 26 -18.76 33.70 6.32
C PRO D 26 -17.75 34.30 7.31
N LEU D 27 -17.03 33.44 8.01
CA LEU D 27 -16.01 33.84 8.98
C LEU D 27 -14.61 33.72 8.36
N PHE D 28 -14.55 33.19 7.13
CA PHE D 28 -13.28 32.99 6.46
C PHE D 28 -13.27 33.37 4.99
N GLU D 29 -13.88 32.52 4.16
CA GLU D 29 -13.93 32.74 2.72
C GLU D 29 -14.58 34.08 2.40
N LYS D 30 -15.79 34.29 2.91
CA LYS D 30 -16.43 35.57 2.65
C LYS D 30 -16.10 36.59 3.71
N LYS D 31 -14.79 36.70 3.95
CA LYS D 31 -14.24 37.64 4.91
C LYS D 31 -12.75 37.82 4.57
N GLN D 32 -12.32 37.13 3.52
CA GLN D 32 -10.95 37.15 3.04
C GLN D 32 -9.95 36.64 4.09
N VAL D 33 -10.46 35.84 5.02
CA VAL D 33 -9.64 35.26 6.09
C VAL D 33 -9.47 33.76 5.80
N GLN D 34 -8.28 33.28 6.10
CA GLN D 34 -7.87 31.89 5.89
C GLN D 34 -7.74 31.25 7.28
N ASP D 35 -7.55 29.94 7.35
CA ASP D 35 -7.38 29.32 8.66
C ASP D 35 -5.99 28.79 8.97
N GLN D 36 -5.77 28.59 10.26
CA GLN D 36 -4.52 28.12 10.87
C GLN D 36 -4.07 26.72 10.41
N THR D 37 -4.92 26.04 9.64
CA THR D 37 -4.59 24.69 9.17
C THR D 37 -5.08 24.46 7.74
N GLU D 38 -5.21 25.54 6.98
CA GLU D 38 -5.69 25.45 5.60
C GLU D 38 -4.59 25.20 4.60
N LYS D 39 -3.50 25.94 4.75
CA LYS D 39 -2.35 25.82 3.87
C LYS D 39 -1.93 24.37 3.75
N GLU D 40 -2.16 23.62 4.82
CA GLU D 40 -1.82 22.19 4.89
C GLU D 40 -2.47 21.39 3.75
N LEU D 41 -3.70 21.73 3.43
CA LEU D 41 -4.43 21.08 2.38
C LEU D 41 -3.91 21.51 1.00
N PHE D 42 -3.76 22.82 0.78
CA PHE D 42 -3.25 23.34 -0.50
C PHE D 42 -1.82 22.91 -0.80
N GLU D 43 -1.02 22.70 0.24
CA GLU D 43 0.36 22.26 0.06
C GLU D 43 0.37 20.84 -0.45
N SER D 44 -0.56 20.01 0.03
CA SER D 44 -0.68 18.58 -0.32
C SER D 44 -1.08 18.27 -1.75
N TYR D 45 -1.41 19.28 -2.52
CA TYR D 45 -1.76 19.09 -3.92
C TYR D 45 -0.46 19.20 -4.71
N ILE D 46 0.54 19.82 -4.07
CA ILE D 46 1.85 20.08 -4.64
C ILE D 46 2.81 18.89 -4.53
N GLU D 47 2.71 18.16 -3.43
CA GLU D 47 3.57 17.02 -3.20
C GLU D 47 3.07 15.77 -3.93
N GLY D 48 3.54 14.60 -3.50
CA GLY D 48 3.12 13.36 -4.14
C GLY D 48 3.45 12.14 -3.30
N ARG D 49 3.54 12.35 -1.99
CA ARG D 49 3.85 11.29 -1.03
C ARG D 49 3.64 11.89 0.34
N ILE E 1 -11.44 13.34 18.29
CA ILE E 1 -10.40 13.18 17.25
C ILE E 1 -8.99 12.97 17.87
N VAL E 2 -8.25 12.02 17.32
CA VAL E 2 -6.93 11.72 17.82
C VAL E 2 -5.95 12.65 17.15
N GLU E 3 -5.04 13.23 17.94
CA GLU E 3 -4.00 14.14 17.44
C GLU E 3 -4.46 15.34 16.61
N GLY E 4 -5.42 16.10 17.12
CA GLY E 4 -5.91 17.24 16.35
C GLY E 4 -6.09 18.49 17.16
N GLN E 5 -5.73 19.63 16.55
CA GLN E 5 -5.82 20.94 17.19
C GLN E 5 -7.22 21.53 17.28
N ASP E 6 -7.39 22.46 18.22
CA ASP E 6 -8.66 23.13 18.46
C ASP E 6 -9.21 23.82 17.23
N ALA E 7 -10.47 23.56 16.92
CA ALA E 7 -11.08 24.20 15.77
C ALA E 7 -11.27 25.67 16.12
N GLU E 8 -11.14 26.51 15.11
CA GLU E 8 -11.30 27.94 15.30
C GLU E 8 -12.79 28.25 15.40
N VAL E 9 -13.09 29.44 15.88
CA VAL E 9 -14.47 29.88 16.00
C VAL E 9 -14.93 30.00 14.54
N GLY E 10 -15.96 29.24 14.17
CA GLY E 10 -16.46 29.30 12.80
C GLY E 10 -15.60 28.63 11.75
N LEU E 11 -14.70 27.74 12.19
CA LEU E 11 -13.82 26.98 11.28
C LEU E 11 -14.58 25.89 10.50
N SER E 12 -15.76 25.56 10.98
CA SER E 12 -16.59 24.55 10.34
C SER E 12 -18.03 24.93 10.66
N PRO E 13 -18.75 25.50 9.68
CA PRO E 13 -20.15 25.95 9.72
C PRO E 13 -21.22 24.86 9.55
N TRP E 14 -20.88 23.80 8.82
CA TRP E 14 -21.84 22.71 8.58
C TRP E 14 -21.95 21.67 9.69
N GLN E 15 -21.04 21.76 10.63
CA GLN E 15 -20.96 20.86 11.78
C GLN E 15 -22.28 20.73 12.53
N VAL E 16 -22.79 19.50 12.57
CA VAL E 16 -24.02 19.15 13.26
C VAL E 16 -23.67 18.08 14.29
N MET E 17 -24.42 18.04 15.38
CA MET E 17 -24.20 17.06 16.44
C MET E 17 -25.53 16.35 16.66
N LEU E 18 -25.59 15.05 16.38
CA LEU E 18 -26.82 14.30 16.62
C LEU E 18 -26.82 14.07 18.12
N PHE E 19 -27.64 14.85 18.81
CA PHE E 19 -27.72 14.75 20.26
C PHE E 19 -28.93 13.94 20.68
N ARG E 20 -28.70 12.92 21.50
CA ARG E 20 -29.81 12.11 21.96
C ARG E 20 -30.52 12.78 23.14
N LYS E 21 -31.84 12.87 22.97
CA LYS E 21 -32.78 13.46 23.91
C LYS E 21 -32.56 12.93 25.32
N SER E 22 -33.14 11.76 25.59
CA SER E 22 -33.02 11.11 26.89
C SER E 22 -32.45 9.72 26.69
N PRO E 23 -31.30 9.45 27.31
CA PRO E 23 -30.62 10.46 28.13
C PRO E 23 -29.91 11.44 27.19
N GLN E 24 -29.63 12.65 27.67
CA GLN E 24 -28.93 13.62 26.85
C GLN E 24 -27.50 13.09 26.61
N GLU E 25 -27.15 12.82 25.36
CA GLU E 25 -25.81 12.28 25.05
C GLU E 25 -25.38 12.43 23.57
N LEU E 26 -24.10 12.74 23.38
CA LEU E 26 -23.53 12.93 22.04
C LEU E 26 -23.44 11.61 21.27
N LEU E 27 -24.41 11.44 20.38
CA LEU E 27 -24.54 10.25 19.54
C LEU E 27 -23.52 10.18 18.38
N CYS E 28 -23.57 11.18 17.49
CA CYS E 28 -22.68 11.24 16.33
C CYS E 28 -22.60 12.65 15.77
N GLY E 29 -21.61 12.90 14.93
CA GLY E 29 -21.49 14.20 14.29
C GLY E 29 -22.47 14.19 13.13
N ALA E 30 -22.44 15.24 12.32
CA ALA E 30 -23.31 15.36 11.15
C ALA E 30 -22.92 16.58 10.30
N SER E 31 -23.62 16.77 9.19
CA SER E 31 -23.37 17.89 8.29
C SER E 31 -24.69 18.53 7.86
N LEU E 32 -24.62 19.76 7.36
CA LEU E 32 -25.81 20.50 6.90
C LEU E 32 -25.61 20.79 5.43
N ILE E 33 -26.14 19.94 4.56
CA ILE E 33 -25.97 20.15 3.12
C ILE E 33 -27.01 21.07 2.49
N SER E 34 -27.83 21.68 3.34
CA SER E 34 -28.88 22.60 2.92
C SER E 34 -29.64 23.04 4.18
N ASP E 35 -30.54 24.01 4.02
CA ASP E 35 -31.32 24.55 5.11
C ASP E 35 -32.34 23.57 5.70
N ARG E 36 -32.45 22.39 5.09
CA ARG E 36 -33.39 21.37 5.54
C ARG E 36 -32.69 20.06 5.87
N TRP E 37 -31.77 19.66 5.00
CA TRP E 37 -31.06 18.39 5.15
C TRP E 37 -29.76 18.33 5.93
N VAL E 38 -29.64 17.29 6.74
CA VAL E 38 -28.46 17.03 7.56
C VAL E 38 -27.98 15.63 7.17
N LEU E 39 -26.73 15.53 6.76
CA LEU E 39 -26.14 14.25 6.31
C LEU E 39 -25.25 13.54 7.34
N THR E 40 -25.55 12.27 7.56
CA THR E 40 -24.83 11.44 8.53
C THR E 40 -24.55 10.05 7.99
N ALA E 41 -23.98 9.22 8.88
CA ALA E 41 -23.67 7.82 8.58
C ALA E 41 -24.82 6.97 9.13
N ALA E 42 -25.36 6.11 8.29
CA ALA E 42 -26.46 5.22 8.66
C ALA E 42 -26.35 4.65 10.09
N HIS E 43 -25.25 3.93 10.35
CA HIS E 43 -24.97 3.29 11.64
C HIS E 43 -25.16 4.11 12.91
N CYS E 44 -25.47 5.39 12.78
CA CYS E 44 -25.69 6.23 13.95
C CYS E 44 -27.17 6.13 14.33
N LEU E 45 -27.94 5.66 13.36
CA LEU E 45 -29.36 5.48 13.52
C LEU E 45 -29.59 3.98 13.61
N LEU E 46 -29.18 3.27 12.55
CA LEU E 46 -29.35 1.83 12.47
C LEU E 46 -28.08 0.98 12.64
N TYR E 47 -28.10 0.11 13.64
CA TYR E 47 -27.00 -0.82 13.93
C TYR E 47 -27.46 -1.92 14.88
N PRO E 48 -28.11 -2.96 14.33
CA PRO E 48 -28.65 -4.13 15.05
C PRO E 48 -27.71 -4.75 16.10
N PRO E 49 -26.40 -4.88 15.80
CA PRO E 49 -25.50 -5.44 16.81
C PRO E 49 -25.46 -4.67 18.14
N TRP E 50 -25.50 -3.35 18.05
CA TRP E 50 -25.50 -2.53 19.26
C TRP E 50 -26.92 -2.09 19.56
N ASP E 51 -27.86 -2.90 19.09
CA ASP E 51 -29.30 -2.69 19.25
C ASP E 51 -29.76 -1.29 18.83
N LYS E 52 -29.06 -0.70 17.87
CA LYS E 52 -29.41 0.62 17.39
C LYS E 52 -30.57 0.64 16.40
N ASN E 53 -31.55 1.48 16.70
CA ASN E 53 -32.72 1.75 15.88
C ASN E 53 -33.45 2.93 16.50
N PHE E 54 -32.90 4.11 16.28
CA PHE E 54 -33.47 5.34 16.80
C PHE E 54 -34.63 5.82 15.94
N THR E 55 -35.63 6.40 16.57
CA THR E 55 -36.75 6.96 15.83
C THR E 55 -36.68 8.47 16.02
N VAL E 56 -37.24 9.21 15.06
CA VAL E 56 -37.29 10.68 15.07
C VAL E 56 -37.49 11.20 16.49
N ASP E 57 -38.31 10.46 17.24
CA ASP E 57 -38.66 10.77 18.61
C ASP E 57 -37.50 10.67 19.58
N ASP E 58 -36.32 10.32 19.08
CA ASP E 58 -35.13 10.19 19.92
C ASP E 58 -34.02 11.17 19.52
N LEU E 59 -34.27 12.02 18.52
CA LEU E 59 -33.22 12.93 18.07
C LEU E 59 -33.35 14.46 17.92
N LEU E 60 -32.36 15.11 18.54
CA LEU E 60 -32.19 16.55 18.55
C LEU E 60 -30.96 16.81 17.67
N VAL E 61 -31.00 17.89 16.92
CA VAL E 61 -29.88 18.25 16.04
C VAL E 61 -29.30 19.59 16.49
N ARG E 62 -28.01 19.63 16.80
CA ARG E 62 -27.39 20.86 17.23
C ARG E 62 -26.43 21.45 16.21
N ILE E 63 -26.90 22.47 15.51
CA ILE E 63 -26.12 23.14 14.46
C ILE E 63 -25.43 24.43 14.96
N GLY E 64 -24.20 24.63 14.51
CA GLY E 64 -23.45 25.83 14.90
C GLY E 64 -22.89 25.86 16.31
N LYS E 65 -22.64 24.69 16.87
CA LYS E 65 -22.09 24.58 18.23
C LYS E 65 -20.56 24.51 18.18
N HIS E 66 -19.90 24.81 19.29
CA HIS E 66 -18.44 24.76 19.35
C HIS E 66 -18.01 24.08 20.64
N SER E 67 -18.68 24.41 21.74
CA SER E 67 -18.38 23.80 23.05
C SER E 67 -19.15 22.50 23.16
N ARG E 68 -18.43 21.42 23.42
CA ARG E 68 -19.00 20.08 23.51
C ARG E 68 -20.23 19.85 24.40
N THR E 69 -20.27 20.52 25.54
CA THR E 69 -21.37 20.34 26.50
C THR E 69 -22.27 21.54 26.70
N ARG E 70 -21.67 22.74 26.73
CA ARG E 70 -22.43 23.96 26.97
C ARG E 70 -23.42 24.45 25.92
N TYR E 71 -24.61 24.78 26.41
CA TYR E 71 -25.70 25.29 25.60
C TYR E 71 -25.34 26.75 25.29
N GLU E 72 -24.83 26.96 24.07
CA GLU E 72 -24.43 28.28 23.59
C GLU E 72 -25.65 29.13 23.18
N ARG E 73 -26.34 29.59 24.22
CA ARG E 73 -27.55 30.41 24.18
C ARG E 73 -27.76 31.33 22.99
N LYS E 74 -26.66 31.80 22.39
CA LYS E 74 -26.79 32.73 21.28
C LYS E 74 -26.51 32.17 19.90
N VAL E 75 -25.41 31.44 19.77
CA VAL E 75 -24.99 30.95 18.47
C VAL E 75 -25.40 29.57 17.95
N GLU E 76 -25.68 28.63 18.85
CA GLU E 76 -26.07 27.27 18.46
C GLU E 76 -27.59 27.03 18.34
N LYS E 77 -28.05 26.64 17.16
CA LYS E 77 -29.49 26.42 16.95
C LYS E 77 -29.95 24.96 16.98
N ILE E 78 -30.76 24.60 17.98
CA ILE E 78 -31.27 23.23 18.11
C ILE E 78 -32.55 22.99 17.30
N SER E 79 -32.46 22.14 16.29
CA SER E 79 -33.62 21.84 15.48
C SER E 79 -34.19 20.49 15.87
N MET E 80 -35.16 20.03 15.08
CA MET E 80 -35.78 18.74 15.27
C MET E 80 -35.92 18.19 13.87
N LEU E 81 -35.98 16.86 13.77
CA LEU E 81 -36.10 16.21 12.49
C LEU E 81 -37.52 15.80 12.20
N ASP E 82 -37.78 15.50 10.94
CA ASP E 82 -39.10 15.09 10.51
C ASP E 82 -38.79 14.20 9.32
N LYS E 83 -38.70 12.90 9.56
CA LYS E 83 -38.37 11.90 8.54
C LYS E 83 -36.88 11.75 8.30
N ILE E 84 -36.38 10.52 8.45
CA ILE E 84 -34.98 10.24 8.17
C ILE E 84 -34.98 9.25 7.00
N TYR E 85 -33.95 9.33 6.18
CA TYR E 85 -33.84 8.46 5.00
C TYR E 85 -32.58 7.63 5.01
N ILE E 86 -32.72 6.36 5.35
CA ILE E 86 -31.58 5.44 5.36
C ILE E 86 -31.51 4.66 4.04
N HIS E 87 -30.32 4.59 3.46
CA HIS E 87 -30.10 3.89 2.21
C HIS E 87 -30.68 2.48 2.30
N PRO E 88 -31.40 2.04 1.27
CA PRO E 88 -31.99 0.69 1.26
C PRO E 88 -30.95 -0.40 1.39
N ARG E 89 -30.08 -0.51 0.39
CA ARG E 89 -29.03 -1.53 0.38
C ARG E 89 -27.82 -1.20 1.26
N TYR E 90 -28.12 -1.02 2.53
CA TYR E 90 -27.14 -0.74 3.58
C TYR E 90 -26.66 -2.12 4.00
N ASN E 91 -25.34 -2.30 4.07
CA ASN E 91 -24.81 -3.60 4.47
C ASN E 91 -24.33 -3.51 5.91
N TRP E 92 -25.26 -3.49 6.85
CA TRP E 92 -24.95 -3.39 8.27
C TRP E 92 -24.14 -4.55 8.78
N LYS E 93 -24.42 -5.74 8.24
CA LYS E 93 -23.75 -6.95 8.68
C LYS E 93 -22.34 -7.19 8.14
N GLU E 94 -22.24 -7.42 6.83
CA GLU E 94 -20.97 -7.76 6.22
C GLU E 94 -19.86 -6.73 6.20
N ASN E 95 -20.16 -5.46 5.95
CA ASN E 95 -19.08 -4.47 5.84
C ASN E 95 -19.46 -3.00 6.02
N LEU E 96 -20.64 -2.73 6.58
CA LEU E 96 -21.11 -1.36 6.79
C LEU E 96 -21.25 -0.55 5.49
N ASP E 97 -21.30 -1.25 4.36
CA ASP E 97 -21.41 -0.64 3.03
C ASP E 97 -22.61 0.32 2.96
N ARG E 98 -22.52 1.31 2.07
CA ARG E 98 -23.55 2.31 1.87
C ARG E 98 -24.03 2.96 3.17
N ASP E 99 -23.07 3.24 4.04
CA ASP E 99 -23.26 3.84 5.36
C ASP E 99 -23.64 5.33 5.38
N ILE E 100 -24.62 5.73 4.58
CA ILE E 100 -25.06 7.13 4.58
C ILE E 100 -26.52 7.28 5.04
N ALA E 101 -26.86 8.50 5.46
CA ALA E 101 -28.22 8.79 5.92
C ALA E 101 -28.53 10.28 5.99
N LEU E 102 -29.69 10.63 5.44
CA LEU E 102 -30.17 11.99 5.42
C LEU E 102 -31.22 12.23 6.50
N LEU E 103 -31.32 13.47 6.98
CA LEU E 103 -32.31 13.82 8.00
C LEU E 103 -32.97 15.13 7.58
N LYS E 104 -34.26 15.09 7.33
CA LYS E 104 -34.99 16.29 6.96
C LYS E 104 -35.22 17.07 8.24
N LEU E 105 -35.19 18.39 8.12
CA LEU E 105 -35.42 19.26 9.27
C LEU E 105 -36.88 19.65 9.32
N LYS E 106 -37.46 19.63 10.52
CA LYS E 106 -38.86 19.99 10.67
C LYS E 106 -39.01 21.48 10.35
N ARG E 107 -37.96 22.23 10.62
CA ARG E 107 -37.95 23.67 10.39
C ARG E 107 -36.71 24.13 9.64
N PRO E 108 -36.86 24.88 8.55
CA PRO E 108 -35.65 25.33 7.85
C PRO E 108 -34.99 26.31 8.82
N ILE E 109 -33.76 26.02 9.18
CA ILE E 109 -32.98 26.81 10.12
C ILE E 109 -32.57 28.22 9.68
N GLU E 110 -32.29 29.07 10.67
CA GLU E 110 -31.86 30.43 10.43
C GLU E 110 -30.33 30.46 10.31
N LEU E 111 -29.88 30.31 9.06
CA LEU E 111 -28.47 30.30 8.68
C LEU E 111 -27.64 31.50 9.18
N SER E 112 -26.70 31.22 10.07
CA SER E 112 -25.87 32.29 10.63
C SER E 112 -24.44 32.19 10.16
N ASP E 113 -23.59 33.02 10.74
CA ASP E 113 -22.17 33.04 10.44
C ASP E 113 -21.52 31.80 11.02
N TYR E 114 -22.34 30.89 11.55
CA TYR E 114 -21.85 29.65 12.15
C TYR E 114 -22.59 28.43 11.62
N ILE E 115 -23.76 28.68 11.04
CA ILE E 115 -24.61 27.64 10.47
C ILE E 115 -24.63 27.88 8.97
N HIS E 116 -23.66 27.30 8.28
CA HIS E 116 -23.58 27.47 6.85
C HIS E 116 -23.29 26.09 6.28
N PRO E 117 -23.96 25.72 5.18
CA PRO E 117 -23.80 24.43 4.51
C PRO E 117 -22.50 24.19 3.76
N VAL E 118 -22.27 22.93 3.42
CA VAL E 118 -21.10 22.48 2.67
C VAL E 118 -21.62 22.05 1.27
N CYS E 119 -20.72 21.90 0.30
CA CYS E 119 -21.14 21.50 -1.05
C CYS E 119 -21.06 19.99 -1.19
N LEU E 120 -21.53 19.50 -2.33
CA LEU E 120 -21.45 18.08 -2.65
C LEU E 120 -20.51 18.02 -3.87
N PRO E 121 -19.80 16.91 -4.06
CA PRO E 121 -18.88 16.85 -5.19
C PRO E 121 -19.41 16.75 -6.64
N ASP E 122 -18.80 17.52 -7.53
CA ASP E 122 -19.16 17.51 -8.95
C ASP E 122 -18.57 16.21 -9.50
N LYS E 123 -18.55 16.14 -10.83
CA LYS E 123 -17.99 15.02 -11.57
C LYS E 123 -16.74 15.62 -12.23
N GLN E 124 -16.17 16.61 -11.53
CA GLN E 124 -14.99 17.33 -11.97
C GLN E 124 -14.18 17.54 -10.71
N THR E 125 -14.88 17.81 -9.62
CA THR E 125 -14.24 18.03 -8.32
C THR E 125 -13.89 16.66 -7.74
N ALA E 126 -14.83 15.72 -7.83
CA ALA E 126 -14.59 14.38 -7.32
C ALA E 126 -13.80 13.53 -8.32
N ALA E 127 -12.81 14.16 -8.94
CA ALA E 127 -11.96 13.52 -9.93
C ALA E 127 -10.63 14.26 -9.96
N LYS E 128 -10.65 15.50 -9.53
CA LYS E 128 -9.46 16.34 -9.48
C LYS E 128 -8.96 16.39 -8.04
N LEU E 129 -9.91 16.28 -7.11
CA LEU E 129 -9.65 16.34 -5.68
C LEU E 129 -9.44 14.96 -5.03
N LEU E 130 -10.17 13.95 -5.48
CA LEU E 130 -9.98 12.63 -4.89
C LEU E 130 -8.76 11.95 -5.51
N HIS E 131 -7.61 12.21 -4.91
CA HIS E 131 -6.37 11.64 -5.37
C HIS E 131 -5.56 11.22 -4.16
N ALA E 132 -5.04 10.01 -4.22
CA ALA E 132 -4.25 9.49 -3.13
C ALA E 132 -3.24 10.55 -2.73
N GLY E 133 -3.10 10.76 -1.43
CA GLY E 133 -2.16 11.73 -0.94
C GLY E 133 -2.75 13.06 -0.60
N PHE E 134 -3.82 13.44 -1.31
CA PHE E 134 -4.49 14.73 -1.05
C PHE E 134 -5.16 14.66 0.32
N LYS E 135 -4.90 15.67 1.14
CA LYS E 135 -5.47 15.69 2.46
C LYS E 135 -6.92 16.15 2.51
N GLY E 136 -7.57 15.80 3.62
CA GLY E 136 -8.96 16.17 3.87
C GLY E 136 -8.97 16.76 5.25
N ARG E 137 -10.13 17.24 5.71
CA ARG E 137 -10.18 17.81 7.04
C ARG E 137 -11.29 17.10 7.81
N VAL E 138 -10.97 16.54 8.97
CA VAL E 138 -11.95 15.85 9.78
C VAL E 138 -12.09 16.65 11.06
N THR E 139 -13.35 16.90 11.44
CA THR E 139 -13.71 17.68 12.62
C THR E 139 -14.70 16.88 13.44
N GLY E 140 -14.67 17.04 14.76
CA GLY E 140 -15.61 16.32 15.60
C GLY E 140 -15.27 16.28 17.07
N TRP E 141 -16.31 16.26 17.90
CA TRP E 141 -16.11 16.16 19.35
C TRP E 141 -16.20 14.66 19.48
N GLY E 142 -15.17 14.03 20.02
CA GLY E 142 -15.18 12.60 20.17
C GLY E 142 -13.81 12.08 20.54
N ASN E 143 -13.82 10.95 21.24
CA ASN E 143 -12.63 10.25 21.69
C ASN E 143 -11.29 10.79 21.26
N ARG E 144 -10.46 11.14 22.25
CA ARG E 144 -9.12 11.65 21.98
C ARG E 144 -8.11 10.50 21.99
N ARG E 145 -8.55 9.33 22.46
CA ARG E 145 -7.68 8.16 22.51
C ARG E 145 -8.47 6.84 22.34
N GLU E 146 -7.81 5.71 22.59
CA GLU E 146 -8.39 4.36 22.48
C GLU E 146 -9.30 3.93 23.64
N THR E 147 -8.76 3.97 24.85
CA THR E 147 -9.45 3.65 26.11
C THR E 147 -9.28 2.27 26.83
N TRP E 148 -10.41 1.65 27.19
CA TRP E 148 -10.46 0.39 27.95
C TRP E 148 -9.52 -0.79 27.70
N THR E 149 -8.62 -0.94 28.65
CA THR E 149 -7.61 -2.00 28.66
C THR E 149 -7.19 -2.06 30.13
N THR E 150 -6.91 -3.26 30.64
CA THR E 150 -6.49 -3.40 32.03
C THR E 150 -5.36 -4.42 32.17
N SER F 1 2.80 14.47 27.35
CA SER F 1 1.76 15.42 26.88
C SER F 1 0.57 15.38 27.83
N VAL F 2 -0.20 16.46 27.87
CA VAL F 2 -1.40 16.57 28.71
C VAL F 2 -2.60 16.11 27.89
N ALA F 3 -3.62 15.55 28.54
CA ALA F 3 -4.80 15.07 27.81
C ALA F 3 -6.03 14.79 28.66
N GLU F 4 -7.08 14.32 27.99
CA GLU F 4 -8.37 13.95 28.56
C GLU F 4 -9.08 13.20 27.42
N VAL F 5 -9.98 12.29 27.74
CA VAL F 5 -10.67 11.52 26.68
C VAL F 5 -11.67 12.31 25.83
N GLN F 6 -12.47 13.16 26.45
CA GLN F 6 -13.40 13.97 25.68
C GLN F 6 -12.83 15.40 25.49
N PRO F 7 -13.04 15.99 24.32
CA PRO F 7 -12.53 17.33 24.06
C PRO F 7 -13.42 18.39 24.71
N SER F 8 -12.96 19.64 24.74
CA SER F 8 -13.77 20.70 25.31
C SER F 8 -14.52 21.38 24.16
N VAL F 9 -13.78 21.63 23.08
CA VAL F 9 -14.35 22.26 21.89
C VAL F 9 -14.07 21.37 20.67
N LEU F 10 -14.69 21.70 19.54
CA LEU F 10 -14.48 20.95 18.31
C LEU F 10 -12.99 20.76 18.05
N GLN F 11 -12.65 19.66 17.40
CA GLN F 11 -11.26 19.38 17.07
C GLN F 11 -11.14 19.14 15.57
N VAL F 12 -9.98 19.50 15.02
CA VAL F 12 -9.74 19.30 13.59
C VAL F 12 -8.52 18.45 13.39
N VAL F 13 -8.45 17.80 12.23
CA VAL F 13 -7.30 16.98 11.86
C VAL F 13 -7.31 16.75 10.36
N ASN F 14 -6.15 16.96 9.72
CA ASN F 14 -6.01 16.78 8.28
C ASN F 14 -5.32 15.44 8.01
N LEU F 15 -6.03 14.56 7.35
CA LEU F 15 -5.53 13.23 7.03
C LEU F 15 -5.41 13.12 5.53
N PRO F 16 -4.34 12.48 5.03
CA PRO F 16 -4.11 12.29 3.61
C PRO F 16 -4.93 11.09 3.15
N LEU F 17 -5.34 11.10 1.89
CA LEU F 17 -6.12 10.00 1.32
C LEU F 17 -5.19 8.87 0.91
N VAL F 18 -5.55 7.63 1.22
CA VAL F 18 -4.70 6.49 0.88
C VAL F 18 -5.03 5.92 -0.50
N GLU F 19 -4.15 5.06 -1.01
CA GLU F 19 -4.35 4.40 -2.29
C GLU F 19 -5.26 3.23 -1.96
N ARG F 20 -6.22 2.90 -2.83
CA ARG F 20 -7.15 1.81 -2.53
C ARG F 20 -6.54 0.46 -2.16
N PRO F 21 -5.49 0.01 -2.88
CA PRO F 21 -4.89 -1.28 -2.55
C PRO F 21 -4.42 -1.33 -1.09
N VAL F 22 -3.81 -0.27 -0.59
CA VAL F 22 -3.37 -0.32 0.81
C VAL F 22 -4.52 -0.26 1.84
N CYS F 23 -5.69 0.22 1.44
CA CYS F 23 -6.80 0.24 2.37
C CYS F 23 -7.23 -1.18 2.50
N LYS F 24 -7.48 -1.81 1.35
CA LYS F 24 -7.91 -3.21 1.27
C LYS F 24 -6.92 -4.10 1.97
N ALA F 25 -5.63 -3.83 1.77
CA ALA F 25 -4.55 -4.59 2.38
C ALA F 25 -4.43 -4.45 3.89
N SER F 26 -5.05 -3.43 4.47
CA SER F 26 -4.98 -3.24 5.93
C SER F 26 -5.99 -4.10 6.69
N THR F 27 -7.25 -4.04 6.28
CA THR F 27 -8.29 -4.80 6.95
C THR F 27 -8.63 -6.13 6.28
N ARG F 28 -9.45 -6.94 6.94
CA ARG F 28 -9.86 -8.23 6.37
C ARG F 28 -11.30 -8.11 5.91
N ILE F 29 -11.88 -6.93 6.15
CA ILE F 29 -13.26 -6.69 5.77
C ILE F 29 -13.39 -6.39 4.29
N ARG F 30 -14.47 -6.86 3.68
CA ARG F 30 -14.64 -6.62 2.25
C ARG F 30 -14.95 -5.16 1.96
N ILE F 31 -13.92 -4.46 1.49
CA ILE F 31 -14.01 -3.06 1.15
C ILE F 31 -14.74 -2.91 -0.19
N THR F 32 -15.45 -1.80 -0.36
CA THR F 32 -16.15 -1.57 -1.60
C THR F 32 -15.83 -0.20 -2.13
N ASP F 33 -16.11 0.00 -3.42
CA ASP F 33 -15.88 1.25 -4.14
C ASP F 33 -16.74 2.39 -3.56
N ASN F 34 -17.56 2.02 -2.60
CA ASN F 34 -18.49 2.89 -1.90
C ASN F 34 -17.85 3.63 -0.75
N MET F 35 -16.66 3.19 -0.36
CA MET F 35 -15.92 3.75 0.77
C MET F 35 -14.43 3.84 0.48
N PHE F 36 -13.80 4.91 0.93
CA PHE F 36 -12.36 5.03 0.75
C PHE F 36 -11.83 5.06 2.16
N CYS F 37 -10.54 5.35 2.30
CA CYS F 37 -9.92 5.40 3.60
C CYS F 37 -8.76 6.37 3.58
N ALA F 38 -8.53 7.04 4.71
CA ALA F 38 -7.44 8.00 4.80
C ALA F 38 -6.68 7.95 6.11
N GLY F 39 -5.37 8.06 6.00
CA GLY F 39 -4.51 8.05 7.16
C GLY F 39 -3.07 8.07 6.72
N TYR F 40 -2.15 8.35 7.65
CA TYR F 40 -0.72 8.39 7.36
C TYR F 40 -0.16 6.97 7.43
N LYS F 41 0.67 6.64 6.47
CA LYS F 41 1.27 5.32 6.41
C LYS F 41 2.22 5.16 7.60
N PRO F 42 2.38 3.92 8.11
CA PRO F 42 3.26 3.66 9.26
C PRO F 42 4.57 4.45 9.26
N GLY F 43 5.32 4.35 8.18
CA GLY F 43 6.59 5.04 8.09
C GLY F 43 6.56 6.55 7.84
N GLU F 44 5.38 7.11 7.62
CA GLU F 44 5.24 8.52 7.31
C GLU F 44 5.94 9.64 8.08
N GLY F 45 5.24 10.29 9.01
CA GLY F 45 5.86 11.36 9.76
C GLY F 45 4.91 11.94 10.79
N LYS F 46 3.63 11.90 10.47
CA LYS F 46 2.62 12.43 11.37
C LYS F 46 1.55 11.39 11.71
N ARG F 47 0.77 11.69 12.74
CA ARG F 47 -0.26 10.81 13.27
C ARG F 47 -1.63 11.51 13.15
N GLY F 48 -2.62 11.02 13.88
CA GLY F 48 -3.94 11.64 13.82
C GLY F 48 -4.96 10.75 13.13
N ASP F 49 -6.20 10.81 13.62
CA ASP F 49 -7.28 10.01 13.07
C ASP F 49 -8.60 10.37 13.75
N ALA F 50 -9.71 9.97 13.15
CA ALA F 50 -11.03 10.22 13.73
C ALA F 50 -11.22 9.12 14.75
N CYS F 51 -12.15 9.31 15.67
CA CYS F 51 -12.37 8.31 16.71
C CYS F 51 -13.84 8.27 17.11
N GLU F 52 -14.13 7.60 18.22
CA GLU F 52 -15.48 7.50 18.73
C GLU F 52 -16.01 8.91 18.91
N GLY F 53 -17.28 9.11 18.56
CA GLY F 53 -17.89 10.41 18.66
C GLY F 53 -17.96 10.97 17.24
N ASP F 54 -16.79 11.20 16.67
CA ASP F 54 -16.66 11.75 15.33
C ASP F 54 -17.45 11.08 14.20
N SER F 55 -18.09 9.94 14.49
CA SER F 55 -18.87 9.22 13.49
C SER F 55 -20.00 10.10 12.98
N GLY F 56 -20.32 9.97 11.69
CA GLY F 56 -21.38 10.76 11.11
C GLY F 56 -20.92 12.15 10.72
N GLY F 57 -19.69 12.45 11.07
CA GLY F 57 -19.12 13.74 10.74
C GLY F 57 -18.76 13.83 9.27
N PRO F 58 -18.19 14.96 8.87
CA PRO F 58 -17.79 15.20 7.49
C PRO F 58 -16.29 14.91 7.30
N PHE F 59 -15.89 14.75 6.06
CA PHE F 59 -14.49 14.58 5.69
C PHE F 59 -14.54 15.49 4.48
N VAL F 60 -14.14 16.74 4.70
CA VAL F 60 -14.16 17.76 3.65
C VAL F 60 -12.79 18.07 3.05
N MET F 61 -12.83 18.70 1.89
CA MET F 61 -11.64 19.11 1.17
C MET F 61 -11.94 20.48 0.60
N LYS F 62 -10.94 21.33 0.49
CA LYS F 62 -11.16 22.64 -0.13
C LYS F 62 -10.67 22.52 -1.57
N SER F 63 -11.38 23.13 -2.51
CA SER F 63 -10.98 23.05 -3.90
C SER F 63 -10.03 24.22 -4.22
N PRO F 64 -8.89 23.92 -4.86
CA PRO F 64 -7.91 24.94 -5.23
C PRO F 64 -8.31 25.67 -6.51
N TYR F 65 -9.24 25.07 -7.24
CA TYR F 65 -9.74 25.60 -8.51
C TYR F 65 -10.98 26.47 -8.34
N ASN F 66 -11.60 26.44 -7.16
CA ASN F 66 -12.81 27.23 -6.93
C ASN F 66 -13.13 27.49 -5.45
N ASN F 67 -12.07 27.71 -4.68
CA ASN F 67 -12.08 27.99 -3.23
C ASN F 67 -13.19 27.65 -2.24
N ARG F 68 -14.12 26.77 -2.60
CA ARG F 68 -15.22 26.40 -1.70
C ARG F 68 -15.03 24.97 -1.19
N TRP F 69 -15.59 24.71 -0.01
CA TRP F 69 -15.47 23.38 0.61
C TRP F 69 -16.44 22.30 0.16
N TYR F 70 -15.88 21.16 -0.23
CA TYR F 70 -16.66 20.03 -0.69
C TYR F 70 -16.59 18.89 0.30
N GLN F 71 -17.75 18.26 0.53
CA GLN F 71 -17.87 17.12 1.42
C GLN F 71 -17.50 15.96 0.54
N MET F 72 -16.40 15.30 0.85
CA MET F 72 -15.94 14.17 0.07
C MET F 72 -16.32 12.87 0.73
N GLY F 73 -16.44 12.89 2.05
CA GLY F 73 -16.80 11.67 2.73
C GLY F 73 -17.38 11.90 4.10
N ILE F 74 -18.00 10.85 4.64
CA ILE F 74 -18.60 10.85 5.98
C ILE F 74 -17.84 9.84 6.83
N VAL F 75 -17.54 10.19 8.07
CA VAL F 75 -16.80 9.30 8.96
C VAL F 75 -17.60 8.02 9.23
N SER F 76 -17.20 6.94 8.57
CA SER F 76 -17.91 5.66 8.72
C SER F 76 -17.37 4.74 9.80
N TRP F 77 -16.27 4.07 9.52
CA TRP F 77 -15.72 3.14 10.48
C TRP F 77 -14.22 3.03 10.40
N GLY F 78 -13.66 2.43 11.44
CA GLY F 78 -12.24 2.24 11.50
C GLY F 78 -11.98 1.17 12.53
N GLU F 79 -10.76 0.67 12.59
CA GLU F 79 -10.44 -0.34 13.56
C GLU F 79 -9.43 0.20 14.55
N GLY F 80 -9.98 0.80 15.59
CA GLY F 80 -9.15 1.36 16.63
C GLY F 80 -8.50 2.64 16.19
N CYS F 81 -8.89 3.73 16.84
CA CYS F 81 -8.36 5.06 16.55
C CYS F 81 -6.85 5.24 16.65
N ASP F 82 -6.23 5.49 15.50
CA ASP F 82 -4.78 5.73 15.41
C ASP F 82 -3.86 4.53 15.59
N ARG F 83 -4.29 3.36 15.16
CA ARG F 83 -3.44 2.17 15.27
C ARG F 83 -2.51 2.07 14.04
N ASP F 84 -1.20 2.02 14.30
CA ASP F 84 -0.21 1.92 13.21
C ASP F 84 -0.59 0.83 12.23
N GLY F 85 -0.64 1.19 10.94
CA GLY F 85 -0.99 0.23 9.92
C GLY F 85 -2.45 0.20 9.55
N LYS F 86 -3.30 0.69 10.46
CA LYS F 86 -4.73 0.72 10.22
C LYS F 86 -5.09 2.09 9.69
N TYR F 87 -6.21 2.16 8.98
CA TYR F 87 -6.68 3.42 8.41
C TYR F 87 -8.15 3.64 8.75
N GLY F 88 -8.63 4.85 8.50
CA GLY F 88 -10.01 5.18 8.78
C GLY F 88 -10.78 5.24 7.47
N PHE F 89 -11.88 4.47 7.40
CA PHE F 89 -12.75 4.41 6.23
C PHE F 89 -13.91 5.42 6.22
N TYR F 90 -14.07 6.15 5.13
CA TYR F 90 -15.14 7.16 5.03
C TYR F 90 -16.05 6.89 3.86
N THR F 91 -17.35 6.97 4.10
CA THR F 91 -18.33 6.75 3.04
C THR F 91 -18.10 7.69 1.84
N HIS F 92 -17.82 7.10 0.68
CA HIS F 92 -17.58 7.86 -0.54
C HIS F 92 -18.87 8.55 -0.98
N VAL F 93 -18.98 9.86 -0.72
CA VAL F 93 -20.19 10.64 -1.06
C VAL F 93 -20.46 10.80 -2.56
N PHE F 94 -19.41 11.00 -3.35
CA PHE F 94 -19.60 11.15 -4.78
C PHE F 94 -20.23 9.90 -5.38
N ARG F 95 -19.71 8.74 -5.00
CA ARG F 95 -20.23 7.48 -5.51
C ARG F 95 -21.51 7.01 -4.84
N LEU F 96 -22.17 7.92 -4.12
CA LEU F 96 -23.44 7.65 -3.46
C LEU F 96 -24.40 8.78 -3.76
N LYS F 97 -23.88 9.82 -4.43
CA LYS F 97 -24.60 11.03 -4.79
C LYS F 97 -25.97 10.90 -5.47
N LYS F 98 -26.13 9.94 -6.37
CA LYS F 98 -27.41 9.79 -7.06
C LYS F 98 -28.53 9.49 -6.09
N TRP F 99 -28.22 8.70 -5.07
CA TRP F 99 -29.22 8.39 -4.07
C TRP F 99 -29.63 9.68 -3.36
N ILE F 100 -28.65 10.52 -3.02
CA ILE F 100 -28.88 11.80 -2.33
C ILE F 100 -29.86 12.65 -3.14
N GLN F 101 -29.62 12.71 -4.45
CA GLN F 101 -30.50 13.45 -5.34
C GLN F 101 -31.87 12.79 -5.38
N LYS F 102 -31.89 11.48 -5.65
CA LYS F 102 -33.12 10.71 -5.72
C LYS F 102 -33.98 10.88 -4.46
N VAL F 103 -33.36 11.13 -3.32
CA VAL F 103 -34.10 11.31 -2.08
C VAL F 103 -34.27 12.76 -1.62
N ILE F 104 -33.69 13.70 -2.35
CA ILE F 104 -33.86 15.12 -2.01
C ILE F 104 -34.80 15.73 -3.05
N ASP F 105 -34.92 15.02 -4.18
CA ASP F 105 -35.79 15.40 -5.29
C ASP F 105 -37.22 15.12 -4.82
N ARG F 106 -37.32 14.22 -3.83
CA ARG F 106 -38.54 13.72 -3.21
C ARG F 106 -38.99 12.47 -3.95
N LEU F 107 -39.00 11.35 -3.24
CA LEU F 107 -39.37 10.09 -3.86
C LEU F 107 -40.73 9.58 -3.40
N GLY F 108 -40.77 8.83 -2.31
CA GLY F 108 -42.03 8.29 -1.83
C GLY F 108 -42.27 8.50 -0.34
N SER F 109 -43.27 9.31 -0.03
CA SER F 109 -43.65 9.60 1.35
C SER F 109 -45.08 9.12 1.63
N HIS G 1 -21.30 4.18 30.39
CA HIS G 1 -20.46 4.71 29.27
C HIS G 1 -20.64 6.24 29.22
N ASN G 2 -20.02 6.90 30.19
CA ASN G 2 -20.05 8.35 30.35
C ASN G 2 -19.54 9.15 29.15
N ASP G 3 -19.95 10.42 29.11
CA ASP G 3 -19.57 11.37 28.06
C ASP G 3 -20.22 12.74 28.29
N GLY G 4 -19.42 13.71 28.68
CA GLY G 4 -19.93 15.07 28.86
C GLY G 4 -20.86 15.46 29.98
N ASP G 5 -20.55 16.62 30.55
CA ASP G 5 -21.33 17.22 31.62
C ASP G 5 -22.28 18.15 30.87
N PHE G 6 -23.12 17.55 30.03
CA PHE G 6 -24.05 18.32 29.21
C PHE G 6 -24.92 19.31 29.96
N GLU G 7 -25.05 20.47 29.36
CA GLU G 7 -25.80 21.58 29.93
C GLU G 7 -27.28 21.64 29.56
N GLU G 8 -28.00 22.46 30.32
CA GLU G 8 -29.44 22.68 30.15
C GLU G 8 -29.84 22.96 28.70
N ILE G 9 -31.09 22.65 28.41
CA ILE G 9 -31.65 22.85 27.10
C ILE G 9 -33.16 22.98 27.29
N PRO G 10 -33.77 24.02 26.70
CA PRO G 10 -35.22 24.23 26.82
C PRO G 10 -35.97 22.91 26.65
N GLU G 11 -36.79 22.58 27.64
CA GLU G 11 -37.56 21.34 27.65
C GLU G 11 -38.77 21.17 26.72
N GLU G 12 -39.00 22.08 25.79
CA GLU G 12 -40.12 21.94 24.84
C GLU G 12 -39.81 20.72 23.96
N TYR G 13 -38.53 20.61 23.61
CA TYR G 13 -37.99 19.52 22.80
C TYR G 13 -38.06 18.19 23.55
N LEU G 14 -38.05 18.29 24.87
CA LEU G 14 -38.12 17.14 25.75
C LEU G 14 -39.33 17.39 26.64
N GLN G 15 -40.52 17.32 26.02
CA GLN G 15 -41.79 17.56 26.70
C GLN G 15 -42.38 16.27 27.28
C1 NAG H . 36.74 -2.51 -2.02
C2 NAG H . 37.98 -2.95 -2.82
C3 NAG H . 38.44 -1.81 -3.76
C4 NAG H . 37.27 -1.22 -4.54
C5 NAG H . 36.16 -0.83 -3.58
C6 NAG H . 34.96 -0.19 -4.24
C7 NAG H . 39.18 -4.50 -1.41
C8 NAG H . 40.35 -4.73 -0.47
N2 NAG H . 39.06 -3.27 -1.91
O3 NAG H . 39.41 -2.30 -4.66
O4 NAG H . 37.71 -0.05 -5.25
O5 NAG H . 35.72 -2.01 -2.89
O6 NAG H . 34.11 0.43 -3.28
O7 NAG H . 38.38 -5.40 -1.67
C1 NAG H . 38.20 -0.16 -6.55
C2 NAG H . 37.04 -0.46 -7.53
C3 NAG H . 37.56 -0.36 -8.97
C4 NAG H . 38.21 1.00 -9.19
C5 NAG H . 39.33 1.19 -8.19
C6 NAG H . 40.00 2.56 -8.32
C7 NAG H . 35.22 -2.07 -7.38
C8 NAG H . 34.84 -3.51 -7.10
N2 NAG H . 36.52 -1.80 -7.31
O3 NAG H . 36.50 -0.55 -9.90
O4 NAG H . 38.72 1.08 -10.51
O5 NAG H . 38.82 1.09 -6.85
O6 NAG H . 39.05 3.61 -8.24
O7 NAG H . 34.37 -1.23 -7.68
C1 NAG I . -35.23 -1.31 13.64
C2 NAG I . -36.21 -2.47 13.81
C3 NAG I . -35.76 -3.65 12.96
C4 NAG I . -35.62 -3.20 11.50
C5 NAG I . -34.65 -2.02 11.42
C6 NAG I . -34.46 -1.47 10.02
C7 NAG I . -37.22 -2.38 15.98
C8 NAG I . -37.22 -2.88 17.42
N2 NAG I . -36.28 -2.88 15.19
O3 NAG I . -36.71 -4.70 13.05
O4 NAG I . -35.12 -4.27 10.71
O5 NAG I . -35.15 -0.93 12.25
O6 NAG I . -33.50 -2.24 9.30
O7 NAG I . -38.04 -1.55 15.61
#